data_1ONA
#
_entry.id   1ONA
#
_cell.length_a   59.830
_cell.length_b   64.840
_cell.length_c   125.920
_cell.angle_alpha   90.00
_cell.angle_beta   93.87
_cell.angle_gamma   90.00
#
_symmetry.space_group_name_H-M   'P 1 21 1'
#
loop_
_entity.id
_entity.type
_entity.pdbx_description
1 polymer 'CONCANAVALIN A'
2 branched 'alpha-D-mannopyranose-(1-3)-[alpha-D-mannopyranose-(1-6)]methyl alpha-D-mannopyranoside'
3 non-polymer 'MANGANESE (II) ION'
4 non-polymer 'CALCIUM ION'
5 water water
#
_entity_poly.entity_id   1
_entity_poly.type   'polypeptide(L)'
_entity_poly.pdbx_seq_one_letter_code
;ADTIVAVELDTYPNTDIGDPSYPHIGIDIKSVRSKKTAKWNMQNGKVGTAHIIYNSVDKRLSAVVSYPNADSATVSYDVD
LDNVLPEWVRVGLSASTGLYKETNTILSWSFTSKLKSNSTHETNALHFMFNQFSKDQKDLILQGDATTGTDGNLELTRVS
SNGSPQGSSVGRALFYAPVHIWESSAVVASFEATFTFLIKSPDSHPADGIAFFISNIDSSIPSGSTGRLLGLFPDAN
;
_entity_poly.pdbx_strand_id   A,B,C,D
#
# COMPACT_ATOMS: atom_id res chain seq x y z
N ALA A 1 0.86 -27.05 -24.56
CA ALA A 1 -0.08 -25.91 -24.67
C ALA A 1 0.29 -24.91 -23.59
N ASP A 2 -0.69 -24.33 -22.94
CA ASP A 2 -0.45 -23.38 -21.88
C ASP A 2 -0.06 -24.09 -20.60
N THR A 3 0.55 -23.36 -19.68
CA THR A 3 0.91 -23.88 -18.37
C THR A 3 -0.09 -23.18 -17.45
N ILE A 4 -0.90 -23.97 -16.75
CA ILE A 4 -1.92 -23.40 -15.90
C ILE A 4 -1.87 -23.81 -14.42
N VAL A 5 -1.95 -22.82 -13.53
CA VAL A 5 -2.02 -22.99 -12.10
C VAL A 5 -3.29 -22.19 -11.79
N ALA A 6 -4.28 -22.82 -11.22
CA ALA A 6 -5.52 -22.13 -10.92
C ALA A 6 -6.14 -22.64 -9.63
N VAL A 7 -7.03 -21.82 -9.07
CA VAL A 7 -7.82 -22.12 -7.88
C VAL A 7 -9.24 -22.11 -8.43
N GLU A 8 -9.86 -23.27 -8.49
CA GLU A 8 -11.21 -23.37 -9.04
C GLU A 8 -12.31 -23.44 -7.98
N LEU A 9 -13.45 -22.89 -8.33
CA LEU A 9 -14.64 -22.87 -7.50
C LEU A 9 -15.57 -23.64 -8.44
N ASP A 10 -15.54 -24.96 -8.30
CA ASP A 10 -16.28 -25.86 -9.15
C ASP A 10 -17.69 -26.10 -8.62
N THR A 11 -18.68 -25.43 -9.21
CA THR A 11 -20.07 -25.58 -8.80
C THR A 11 -20.77 -26.88 -9.23
N TYR A 12 -20.24 -27.53 -10.25
CA TYR A 12 -20.82 -28.76 -10.75
C TYR A 12 -19.83 -29.94 -10.70
N PRO A 13 -20.16 -31.00 -9.91
CA PRO A 13 -19.30 -32.18 -9.77
C PRO A 13 -19.35 -33.08 -11.02
N ASN A 14 -18.20 -33.32 -11.64
CA ASN A 14 -18.08 -34.20 -12.81
C ASN A 14 -17.32 -35.42 -12.30
N THR A 15 -18.04 -36.30 -11.61
CA THR A 15 -17.47 -37.50 -11.02
C THR A 15 -16.70 -38.32 -12.04
N ASP A 16 -17.09 -38.21 -13.30
CA ASP A 16 -16.43 -38.93 -14.38
C ASP A 16 -15.01 -38.45 -14.68
N ILE A 17 -14.70 -37.18 -14.40
CA ILE A 17 -13.33 -36.73 -14.63
C ILE A 17 -12.59 -36.47 -13.31
N GLY A 18 -12.98 -37.22 -12.29
CA GLY A 18 -12.31 -37.12 -10.99
C GLY A 18 -12.83 -36.14 -9.96
N ASP A 19 -13.98 -35.52 -10.20
CA ASP A 19 -14.53 -34.57 -9.24
C ASP A 19 -15.27 -35.25 -8.12
N PRO A 20 -15.21 -34.69 -6.90
CA PRO A 20 -15.93 -35.32 -5.79
C PRO A 20 -17.46 -35.12 -6.07
N SER A 21 -18.31 -35.77 -5.28
CA SER A 21 -19.75 -35.67 -5.47
C SER A 21 -20.42 -34.41 -4.96
N TYR A 22 -19.75 -33.28 -5.00
CA TYR A 22 -20.37 -32.07 -4.49
C TYR A 22 -19.56 -30.90 -4.95
N PRO A 23 -20.16 -29.71 -4.90
CA PRO A 23 -19.46 -28.49 -5.30
C PRO A 23 -18.23 -28.46 -4.42
N HIS A 24 -17.14 -27.99 -4.95
CA HIS A 24 -15.90 -27.95 -4.22
C HIS A 24 -15.00 -26.84 -4.74
N ILE A 25 -13.95 -26.56 -3.98
CA ILE A 25 -12.93 -25.59 -4.39
C ILE A 25 -11.70 -26.48 -4.50
N GLY A 26 -10.79 -26.15 -5.41
CA GLY A 26 -9.63 -27.00 -5.54
C GLY A 26 -8.43 -26.27 -6.07
N ILE A 27 -7.31 -26.97 -6.08
CA ILE A 27 -6.06 -26.40 -6.55
C ILE A 27 -5.60 -27.21 -7.73
N ASP A 28 -5.59 -26.59 -8.90
CA ASP A 28 -5.21 -27.24 -10.13
C ASP A 28 -3.81 -26.88 -10.58
N ILE A 29 -2.95 -27.87 -10.72
CA ILE A 29 -1.61 -27.61 -11.19
C ILE A 29 -1.46 -28.35 -12.52
N LYS A 30 -1.63 -27.61 -13.60
CA LYS A 30 -1.52 -28.12 -14.96
C LYS A 30 -2.44 -29.31 -15.24
N SER A 31 -3.58 -29.29 -14.57
CA SER A 31 -4.57 -30.32 -14.73
C SER A 31 -5.85 -29.86 -14.09
N VAL A 32 -6.97 -30.17 -14.75
CA VAL A 32 -8.30 -29.83 -14.30
C VAL A 32 -8.67 -30.77 -13.14
N ARG A 33 -7.90 -31.84 -12.97
CA ARG A 33 -8.13 -32.78 -11.86
C ARG A 33 -7.37 -32.23 -10.66
N SER A 34 -8.08 -31.48 -9.82
CA SER A 34 -7.49 -30.83 -8.65
C SER A 34 -6.49 -31.67 -7.85
N LYS A 35 -5.36 -31.06 -7.54
CA LYS A 35 -4.36 -31.73 -6.74
C LYS A 35 -4.87 -31.86 -5.32
N LYS A 36 -5.78 -30.97 -4.95
CA LYS A 36 -6.35 -30.96 -3.61
C LYS A 36 -7.69 -30.25 -3.72
N THR A 37 -8.72 -30.80 -3.10
CA THR A 37 -10.04 -30.16 -3.15
C THR A 37 -10.58 -30.01 -1.73
N ALA A 38 -11.73 -29.35 -1.61
CA ALA A 38 -12.37 -29.16 -0.31
C ALA A 38 -13.83 -28.93 -0.67
N LYS A 39 -14.73 -29.41 0.17
CA LYS A 39 -16.16 -29.24 -0.09
C LYS A 39 -16.52 -27.79 -0.01
N TRP A 40 -17.44 -27.36 -0.85
CA TRP A 40 -17.83 -25.96 -0.86
C TRP A 40 -19.33 -25.86 -0.93
N ASN A 41 -19.91 -25.22 0.07
CA ASN A 41 -21.34 -25.06 0.08
C ASN A 41 -21.70 -23.78 -0.67
N MET A 42 -21.80 -23.90 -1.99
CA MET A 42 -22.10 -22.77 -2.85
C MET A 42 -23.50 -22.22 -2.55
N GLN A 43 -23.62 -20.89 -2.51
CA GLN A 43 -24.90 -20.27 -2.23
C GLN A 43 -25.43 -19.52 -3.44
N ASN A 44 -26.28 -20.19 -4.18
CA ASN A 44 -26.86 -19.64 -5.38
C ASN A 44 -27.54 -18.31 -5.09
N GLY A 45 -27.16 -17.28 -5.84
CA GLY A 45 -27.74 -15.96 -5.67
C GLY A 45 -27.02 -14.99 -4.74
N LYS A 46 -26.11 -15.51 -3.92
CA LYS A 46 -25.36 -14.68 -2.97
C LYS A 46 -23.96 -14.32 -3.46
N VAL A 47 -23.48 -13.15 -3.04
CA VAL A 47 -22.16 -12.70 -3.42
C VAL A 47 -21.13 -13.33 -2.49
N GLY A 48 -20.17 -14.04 -3.08
CA GLY A 48 -19.12 -14.68 -2.33
C GLY A 48 -17.84 -13.90 -2.47
N THR A 49 -16.82 -14.35 -1.74
CA THR A 49 -15.49 -13.74 -1.75
C THR A 49 -14.48 -14.88 -1.71
N ALA A 50 -13.44 -14.77 -2.53
CA ALA A 50 -12.36 -15.76 -2.56
C ALA A 50 -11.05 -14.99 -2.34
N HIS A 51 -10.20 -15.54 -1.46
CA HIS A 51 -8.88 -14.98 -1.15
C HIS A 51 -7.87 -16.10 -1.50
N ILE A 52 -6.89 -15.80 -2.34
CA ILE A 52 -5.85 -16.75 -2.72
C ILE A 52 -4.52 -16.15 -2.29
N ILE A 53 -3.60 -16.99 -1.82
CA ILE A 53 -2.30 -16.52 -1.39
C ILE A 53 -1.21 -17.55 -1.60
N TYR A 54 -0.01 -17.08 -1.90
CA TYR A 54 1.15 -17.94 -2.07
C TYR A 54 2.35 -17.11 -1.65
N ASN A 55 3.37 -17.75 -1.08
CA ASN A 55 4.60 -17.07 -0.69
C ASN A 55 5.76 -18.04 -0.85
N SER A 56 6.91 -17.55 -1.25
CA SER A 56 8.05 -18.42 -1.48
C SER A 56 8.62 -19.05 -0.22
N VAL A 57 8.28 -18.52 0.94
CA VAL A 57 8.80 -19.08 2.18
C VAL A 57 8.19 -20.45 2.42
N ASP A 58 6.87 -20.51 2.39
CA ASP A 58 6.16 -21.78 2.61
C ASP A 58 6.02 -22.57 1.35
N LYS A 59 5.89 -21.87 0.23
CA LYS A 59 5.67 -22.50 -1.07
C LYS A 59 4.37 -23.26 -1.00
N ARG A 60 3.38 -22.66 -0.35
CA ARG A 60 2.07 -23.26 -0.20
C ARG A 60 1.05 -22.32 -0.85
N LEU A 61 0.18 -22.87 -1.70
CA LEU A 61 -0.84 -22.07 -2.36
C LEU A 61 -2.15 -22.32 -1.61
N SER A 62 -2.75 -21.28 -1.04
CA SER A 62 -3.98 -21.41 -0.29
C SER A 62 -5.07 -20.54 -0.81
N ALA A 63 -6.30 -20.97 -0.56
CA ALA A 63 -7.48 -20.23 -0.99
C ALA A 63 -8.56 -20.40 0.04
N VAL A 64 -9.39 -19.38 0.16
CA VAL A 64 -10.49 -19.41 1.11
C VAL A 64 -11.68 -18.75 0.45
N VAL A 65 -12.77 -19.49 0.38
CA VAL A 65 -14.00 -19.00 -0.22
C VAL A 65 -15.01 -18.84 0.88
N SER A 66 -15.70 -17.71 0.91
CA SER A 66 -16.68 -17.47 1.96
C SER A 66 -17.87 -16.60 1.56
N TYR A 67 -18.97 -16.84 2.25
CA TYR A 67 -20.20 -16.07 2.07
C TYR A 67 -20.41 -15.47 3.46
N PRO A 68 -20.98 -14.28 3.50
CA PRO A 68 -21.20 -13.69 4.82
C PRO A 68 -22.12 -14.54 5.68
N ASN A 69 -21.80 -14.62 6.98
CA ASN A 69 -22.58 -15.39 7.95
C ASN A 69 -22.60 -16.90 7.67
N ALA A 70 -21.56 -17.39 7.04
CA ALA A 70 -21.50 -18.80 6.71
C ALA A 70 -20.07 -19.21 6.90
N ASP A 71 -19.85 -20.50 7.10
CA ASP A 71 -18.49 -21.01 7.23
C ASP A 71 -17.81 -20.91 5.87
N SER A 72 -16.49 -20.92 5.91
CA SER A 72 -15.74 -20.82 4.68
C SER A 72 -15.15 -22.17 4.33
N ALA A 73 -14.78 -22.29 3.07
CA ALA A 73 -14.13 -23.51 2.61
C ALA A 73 -12.69 -23.07 2.36
N THR A 74 -11.74 -23.93 2.67
CA THR A 74 -10.33 -23.64 2.52
C THR A 74 -9.62 -24.83 1.96
N VAL A 75 -8.69 -24.57 1.05
CA VAL A 75 -7.92 -25.62 0.42
C VAL A 75 -6.50 -25.07 0.27
N SER A 76 -5.51 -25.92 0.54
CA SER A 76 -4.10 -25.54 0.45
C SER A 76 -3.32 -26.65 -0.20
N TYR A 77 -2.31 -26.29 -0.98
CA TYR A 77 -1.50 -27.31 -1.64
C TYR A 77 -0.07 -26.87 -1.75
N ASP A 78 0.81 -27.72 -1.26
CA ASP A 78 2.25 -27.47 -1.31
C ASP A 78 2.78 -27.54 -2.72
N VAL A 79 3.26 -26.41 -3.23
CA VAL A 79 3.78 -26.36 -4.58
C VAL A 79 4.83 -25.25 -4.76
N ASP A 80 5.93 -25.61 -5.41
CA ASP A 80 7.00 -24.69 -5.70
C ASP A 80 6.75 -24.20 -7.11
N LEU A 81 6.15 -23.02 -7.22
CA LEU A 81 5.81 -22.46 -8.51
C LEU A 81 6.96 -22.17 -9.48
N ASP A 82 8.19 -22.22 -9.00
CA ASP A 82 9.36 -21.97 -9.87
C ASP A 82 9.58 -23.17 -10.78
N ASN A 83 9.10 -24.33 -10.34
CA ASN A 83 9.25 -25.56 -11.11
C ASN A 83 8.02 -25.84 -11.92
N VAL A 84 6.98 -25.04 -11.75
CA VAL A 84 5.74 -25.22 -12.47
C VAL A 84 5.52 -24.16 -13.56
N LEU A 85 5.55 -22.91 -13.14
CA LEU A 85 5.32 -21.78 -14.04
C LEU A 85 6.60 -21.13 -14.51
N PRO A 86 6.52 -20.37 -15.61
CA PRO A 86 7.68 -19.67 -16.15
C PRO A 86 7.81 -18.37 -15.34
N GLU A 87 8.98 -17.73 -15.38
CA GLU A 87 9.22 -16.47 -14.63
C GLU A 87 8.16 -15.40 -14.78
N TRP A 88 7.77 -15.16 -16.02
CA TRP A 88 6.76 -14.17 -16.35
C TRP A 88 5.47 -14.88 -16.74
N VAL A 89 4.39 -14.42 -16.14
CA VAL A 89 3.07 -14.98 -16.35
C VAL A 89 2.05 -13.87 -16.47
N ARG A 90 0.79 -14.24 -16.71
CA ARG A 90 -0.33 -13.30 -16.73
C ARG A 90 -1.31 -13.94 -15.75
N VAL A 91 -2.08 -13.11 -15.06
CA VAL A 91 -3.02 -13.59 -14.08
C VAL A 91 -4.41 -13.18 -14.49
N GLY A 92 -5.40 -14.04 -14.24
CA GLY A 92 -6.74 -13.70 -14.62
C GLY A 92 -7.82 -14.51 -13.98
N LEU A 93 -9.05 -14.26 -14.41
CA LEU A 93 -10.22 -14.97 -13.94
C LEU A 93 -10.83 -15.69 -15.15
N SER A 94 -11.42 -16.86 -14.93
CA SER A 94 -12.03 -17.63 -16.01
C SER A 94 -13.34 -18.28 -15.54
N ALA A 95 -14.21 -18.65 -16.46
CA ALA A 95 -15.48 -19.27 -16.11
C ALA A 95 -16.22 -19.93 -17.29
N SER A 96 -16.99 -20.98 -17.01
CA SER A 96 -17.70 -21.65 -18.05
C SER A 96 -19.07 -22.16 -17.63
N THR A 97 -19.85 -22.58 -18.62
CA THR A 97 -21.15 -23.21 -18.40
C THR A 97 -21.17 -24.35 -19.41
N GLY A 98 -22.14 -25.22 -19.27
CA GLY A 98 -22.22 -26.35 -20.18
C GLY A 98 -23.70 -26.56 -20.45
N LEU A 99 -24.18 -27.76 -20.13
CA LEU A 99 -25.59 -28.09 -20.27
C LEU A 99 -26.33 -27.25 -19.26
N TYR A 100 -25.75 -27.14 -18.09
CA TYR A 100 -26.27 -26.36 -16.98
C TYR A 100 -25.53 -25.05 -16.96
N LYS A 101 -26.18 -24.05 -16.40
CA LYS A 101 -25.59 -22.73 -16.37
C LYS A 101 -25.72 -21.99 -15.04
N GLU A 102 -25.10 -20.84 -14.97
CA GLU A 102 -25.13 -20.00 -13.79
C GLU A 102 -24.50 -18.71 -14.27
N THR A 103 -24.75 -17.64 -13.55
CA THR A 103 -24.12 -16.39 -13.90
C THR A 103 -22.73 -16.52 -13.24
N ASN A 104 -21.71 -15.96 -13.88
CA ASN A 104 -20.35 -15.97 -13.36
C ASN A 104 -19.90 -14.49 -13.33
N THR A 105 -20.65 -13.72 -12.57
CA THR A 105 -20.45 -12.31 -12.39
C THR A 105 -19.33 -12.00 -11.38
N ILE A 106 -18.37 -11.20 -11.78
CA ILE A 106 -17.28 -10.81 -10.90
C ILE A 106 -17.62 -9.37 -10.58
N LEU A 107 -17.70 -9.05 -9.31
CA LEU A 107 -18.05 -7.72 -8.91
C LEU A 107 -16.79 -6.87 -8.63
N SER A 108 -15.68 -7.51 -8.34
CA SER A 108 -14.46 -6.80 -8.06
C SER A 108 -13.32 -7.79 -8.09
N TRP A 109 -12.08 -7.30 -8.20
CA TRP A 109 -10.93 -8.17 -8.23
C TRP A 109 -9.66 -7.37 -7.99
N SER A 110 -8.79 -7.88 -7.12
CA SER A 110 -7.48 -7.24 -6.87
C SER A 110 -6.35 -8.25 -6.85
N PHE A 111 -5.13 -7.78 -7.01
CA PHE A 111 -3.97 -8.68 -7.02
C PHE A 111 -2.74 -7.90 -6.63
N THR A 112 -1.84 -8.54 -5.92
CA THR A 112 -0.60 -7.93 -5.51
C THR A 112 0.49 -8.98 -5.62
N SER A 113 1.64 -8.58 -6.13
CA SER A 113 2.75 -9.48 -6.29
C SER A 113 4.04 -8.76 -5.92
N LYS A 114 4.93 -9.44 -5.20
CA LYS A 114 6.19 -8.83 -4.81
C LYS A 114 7.32 -9.81 -4.96
N LEU A 115 8.36 -9.35 -5.61
CA LEU A 115 9.54 -10.14 -5.84
C LEU A 115 10.65 -9.39 -5.14
N LYS A 116 11.04 -9.90 -4.00
CA LYS A 116 12.06 -9.26 -3.24
C LYS A 116 13.37 -10.02 -3.44
N THR A 123 13.25 -5.37 -4.95
CA THR A 123 12.06 -5.24 -4.07
C THR A 123 10.92 -4.69 -4.94
N ASN A 124 10.70 -5.38 -6.05
CA ASN A 124 9.73 -5.08 -7.11
C ASN A 124 8.31 -5.47 -6.78
N ALA A 125 7.36 -4.67 -7.21
CA ALA A 125 5.98 -4.97 -6.88
C ALA A 125 4.98 -4.57 -7.94
N LEU A 126 3.85 -5.26 -7.93
CA LEU A 126 2.75 -4.97 -8.82
C LEU A 126 1.49 -5.06 -8.02
N HIS A 127 0.58 -4.10 -8.19
CA HIS A 127 -0.70 -4.14 -7.50
C HIS A 127 -1.78 -3.49 -8.36
N PHE A 128 -2.94 -4.11 -8.44
CA PHE A 128 -4.07 -3.52 -9.15
C PHE A 128 -5.36 -3.83 -8.40
N MET A 129 -6.35 -2.96 -8.54
CA MET A 129 -7.62 -3.16 -7.90
C MET A 129 -8.77 -2.72 -8.79
N PHE A 130 -9.78 -3.55 -8.90
CA PHE A 130 -10.94 -3.22 -9.67
C PHE A 130 -12.13 -3.33 -8.75
N ASN A 131 -12.55 -2.21 -8.19
CA ASN A 131 -13.73 -2.20 -7.33
C ASN A 131 -14.95 -2.01 -8.22
N GLN A 132 -14.71 -1.93 -9.51
CA GLN A 132 -15.72 -1.73 -10.53
C GLN A 132 -15.07 -1.92 -11.90
N PHE A 133 -15.88 -2.26 -12.88
CA PHE A 133 -15.42 -2.48 -14.23
C PHE A 133 -16.16 -1.56 -15.18
N SER A 134 -15.41 -0.96 -16.09
CA SER A 134 -15.96 -0.04 -17.07
C SER A 134 -16.26 -0.70 -18.41
N LYS A 135 -16.98 0.03 -19.27
CA LYS A 135 -17.38 -0.46 -20.58
C LYS A 135 -16.17 -0.90 -21.37
N ASP A 136 -15.11 -0.10 -21.32
CA ASP A 136 -13.90 -0.49 -22.02
C ASP A 136 -12.75 -0.41 -21.03
N GLN A 137 -12.57 -1.52 -20.31
CA GLN A 137 -11.52 -1.66 -19.32
C GLN A 137 -10.28 -2.01 -20.11
N LYS A 138 -9.55 -0.98 -20.53
CA LYS A 138 -8.34 -1.16 -21.32
C LYS A 138 -7.18 -1.94 -20.72
N ASP A 139 -7.15 -2.08 -19.40
CA ASP A 139 -6.08 -2.84 -18.75
C ASP A 139 -6.48 -4.30 -18.53
N LEU A 140 -7.61 -4.73 -19.10
CA LEU A 140 -8.08 -6.11 -19.02
C LEU A 140 -8.11 -6.66 -20.43
N ILE A 141 -7.57 -7.86 -20.61
CA ILE A 141 -7.62 -8.53 -21.88
C ILE A 141 -8.76 -9.53 -21.72
N LEU A 142 -9.89 -9.26 -22.36
CA LEU A 142 -11.06 -10.15 -22.29
C LEU A 142 -11.02 -11.19 -23.39
N GLN A 143 -11.35 -12.41 -23.04
CA GLN A 143 -11.34 -13.49 -23.99
C GLN A 143 -12.65 -14.27 -23.87
N GLY A 144 -13.13 -14.81 -24.99
CA GLY A 144 -14.36 -15.58 -24.98
C GLY A 144 -15.60 -14.73 -24.84
N ASP A 145 -16.53 -15.16 -24.01
CA ASP A 145 -17.78 -14.44 -23.80
C ASP A 145 -17.72 -13.37 -22.75
N ALA A 146 -16.53 -13.15 -22.17
CA ALA A 146 -16.36 -12.15 -21.14
C ALA A 146 -16.66 -10.73 -21.62
N THR A 147 -17.43 -9.99 -20.83
CA THR A 147 -17.77 -8.59 -21.13
C THR A 147 -17.71 -7.71 -19.90
N THR A 148 -17.37 -6.44 -20.07
CA THR A 148 -17.31 -5.49 -18.97
C THR A 148 -18.37 -4.40 -19.19
N GLY A 149 -18.54 -3.56 -18.17
CA GLY A 149 -19.51 -2.49 -18.24
C GLY A 149 -20.90 -3.00 -17.99
N THR A 150 -21.05 -4.32 -17.96
CA THR A 150 -22.32 -4.99 -17.72
C THR A 150 -22.75 -4.78 -16.26
N ASP A 151 -23.16 -3.53 -15.97
CA ASP A 151 -23.57 -3.05 -14.64
C ASP A 151 -22.38 -2.63 -13.80
N GLY A 152 -21.27 -2.33 -14.45
CA GLY A 152 -20.06 -1.99 -13.73
C GLY A 152 -19.40 -3.29 -13.29
N ASN A 153 -19.98 -4.42 -13.69
CA ASN A 153 -19.47 -5.75 -13.37
C ASN A 153 -18.77 -6.40 -14.57
N LEU A 154 -18.08 -7.49 -14.29
CA LEU A 154 -17.37 -8.26 -15.29
C LEU A 154 -18.14 -9.54 -15.37
N GLU A 155 -18.70 -9.85 -16.54
CA GLU A 155 -19.44 -11.11 -16.72
C GLU A 155 -18.53 -12.02 -17.53
N LEU A 156 -18.05 -13.07 -16.89
CA LEU A 156 -17.16 -14.02 -17.55
C LEU A 156 -17.86 -14.85 -18.65
N THR A 157 -19.12 -15.21 -18.44
CA THR A 157 -19.87 -15.98 -19.39
C THR A 157 -21.15 -15.25 -19.80
N ARG A 158 -21.73 -15.67 -20.92
CA ARG A 158 -22.93 -15.09 -21.50
C ARG A 158 -24.12 -14.92 -20.55
N VAL A 159 -24.67 -13.72 -20.57
CA VAL A 159 -25.86 -13.39 -19.78
C VAL A 159 -26.72 -12.59 -20.76
N SER A 160 -27.98 -13.01 -20.90
CA SER A 160 -28.90 -12.40 -21.84
C SER A 160 -29.52 -11.14 -21.24
N SER A 161 -30.16 -10.34 -22.08
CA SER A 161 -30.82 -9.13 -21.54
C SER A 161 -31.57 -9.34 -20.22
N ASN A 162 -32.51 -10.28 -20.22
CA ASN A 162 -33.27 -10.51 -18.99
C ASN A 162 -32.41 -10.86 -17.73
N GLY A 163 -31.12 -11.04 -17.90
CA GLY A 163 -30.22 -11.38 -16.80
C GLY A 163 -29.99 -12.87 -16.67
N SER A 164 -30.47 -13.66 -17.61
CA SER A 164 -30.29 -15.08 -17.53
C SER A 164 -29.00 -15.53 -18.15
N PRO A 165 -28.39 -16.57 -17.54
CA PRO A 165 -27.14 -17.12 -18.05
C PRO A 165 -27.42 -18.06 -19.20
N GLN A 166 -26.46 -18.15 -20.12
CA GLN A 166 -26.58 -19.03 -21.26
C GLN A 166 -25.64 -20.22 -21.03
N GLY A 167 -26.06 -21.39 -21.51
CA GLY A 167 -25.23 -22.58 -21.39
C GLY A 167 -24.13 -22.57 -22.43
N SER A 168 -23.23 -23.54 -22.35
CA SER A 168 -22.11 -23.64 -23.28
C SER A 168 -21.35 -22.35 -23.54
N SER A 169 -21.10 -21.59 -22.48
CA SER A 169 -20.40 -20.32 -22.59
C SER A 169 -19.01 -20.45 -21.94
N VAL A 170 -18.04 -19.64 -22.39
CA VAL A 170 -16.68 -19.61 -21.82
C VAL A 170 -16.11 -18.22 -21.99
N GLY A 171 -15.51 -17.68 -20.93
CA GLY A 171 -14.92 -16.35 -21.00
C GLY A 171 -13.84 -16.19 -19.95
N ARG A 172 -12.87 -15.34 -20.23
CA ARG A 172 -11.77 -15.09 -19.30
C ARG A 172 -11.43 -13.63 -19.34
N ALA A 173 -10.71 -13.19 -18.32
CA ALA A 173 -10.26 -11.82 -18.24
C ALA A 173 -8.87 -11.87 -17.63
N LEU A 174 -7.86 -11.39 -18.35
CA LEU A 174 -6.47 -11.38 -17.87
C LEU A 174 -5.99 -9.95 -17.64
N PHE A 175 -5.19 -9.72 -16.60
CA PHE A 175 -4.67 -8.36 -16.42
C PHE A 175 -3.67 -8.14 -17.55
N TYR A 176 -3.71 -6.94 -18.13
CA TYR A 176 -2.89 -6.58 -19.28
C TYR A 176 -1.38 -6.77 -19.16
N ALA A 177 -0.78 -6.36 -18.06
CA ALA A 177 0.66 -6.49 -17.90
C ALA A 177 1.12 -7.86 -17.42
N PRO A 178 2.29 -8.31 -17.90
CA PRO A 178 2.86 -9.61 -17.52
C PRO A 178 3.33 -9.40 -16.08
N VAL A 179 3.35 -10.48 -15.31
CA VAL A 179 3.74 -10.40 -13.91
C VAL A 179 4.96 -11.25 -13.69
N HIS A 180 5.99 -10.69 -13.06
CA HIS A 180 7.22 -11.45 -12.82
C HIS A 180 6.98 -12.31 -11.59
N ILE A 181 6.49 -13.51 -11.83
CA ILE A 181 6.11 -14.42 -10.76
C ILE A 181 7.26 -14.95 -9.91
N TRP A 182 8.42 -15.17 -10.51
CA TRP A 182 9.59 -15.63 -9.78
C TRP A 182 10.86 -15.21 -10.49
N GLU A 183 11.96 -15.32 -9.78
CA GLU A 183 13.27 -14.96 -10.29
C GLU A 183 14.24 -15.48 -9.25
N SER A 184 15.12 -16.39 -9.60
CA SER A 184 16.04 -17.00 -8.61
C SER A 184 16.76 -16.09 -7.61
N SER A 185 17.17 -14.90 -8.03
CA SER A 185 17.86 -13.99 -7.12
C SER A 185 16.96 -13.37 -6.03
N ALA A 186 15.72 -13.86 -5.91
CA ALA A 186 14.80 -13.31 -4.93
C ALA A 186 14.71 -14.18 -3.66
N VAL A 187 14.66 -13.50 -2.51
CA VAL A 187 14.56 -14.15 -1.19
C VAL A 187 13.11 -14.52 -0.92
N VAL A 188 12.20 -13.59 -1.25
CA VAL A 188 10.78 -13.81 -1.05
C VAL A 188 9.95 -13.31 -2.23
N ALA A 189 9.31 -14.26 -2.90
CA ALA A 189 8.41 -14.03 -4.04
C ALA A 189 7.02 -14.37 -3.51
N SER A 190 6.04 -13.54 -3.80
CA SER A 190 4.71 -13.80 -3.28
C SER A 190 3.63 -13.01 -3.98
N PHE A 191 2.42 -13.55 -3.96
CA PHE A 191 1.27 -12.89 -4.56
C PHE A 191 0.02 -13.27 -3.77
N GLU A 192 -1.05 -12.52 -4.02
CA GLU A 192 -2.34 -12.77 -3.40
C GLU A 192 -3.36 -12.13 -4.34
N ALA A 193 -4.58 -12.64 -4.33
CA ALA A 193 -5.62 -12.13 -5.19
C ALA A 193 -6.91 -12.24 -4.46
N THR A 194 -7.87 -11.41 -4.85
CA THR A 194 -9.17 -11.41 -4.22
C THR A 194 -10.23 -10.96 -5.19
N PHE A 195 -11.36 -11.64 -5.18
CA PHE A 195 -12.46 -11.27 -6.06
C PHE A 195 -13.78 -11.63 -5.39
N THR A 196 -14.82 -10.88 -5.70
CA THR A 196 -16.14 -11.17 -5.16
C THR A 196 -16.89 -11.58 -6.38
N PHE A 197 -17.82 -12.49 -6.22
CA PHE A 197 -18.54 -12.99 -7.35
C PHE A 197 -19.99 -13.19 -7.03
N LEU A 198 -20.79 -13.40 -8.06
CA LEU A 198 -22.20 -13.65 -7.90
C LEU A 198 -22.61 -14.77 -8.82
N ILE A 199 -22.67 -15.99 -8.28
CA ILE A 199 -23.08 -17.17 -9.01
C ILE A 199 -24.55 -17.43 -8.74
N LYS A 200 -25.35 -17.23 -9.78
CA LYS A 200 -26.78 -17.44 -9.69
C LYS A 200 -27.30 -18.22 -10.88
N SER A 201 -27.99 -19.31 -10.59
CA SER A 201 -28.55 -20.14 -11.63
C SER A 201 -30.00 -20.46 -11.36
N PRO A 202 -30.84 -20.29 -12.37
CA PRO A 202 -32.28 -20.56 -12.31
C PRO A 202 -32.57 -22.06 -12.23
N ASP A 203 -31.70 -22.88 -12.82
CA ASP A 203 -31.90 -24.32 -12.75
C ASP A 203 -31.41 -24.96 -11.47
N SER A 204 -31.88 -26.17 -11.25
CA SER A 204 -31.56 -26.93 -10.06
C SER A 204 -30.09 -27.26 -9.91
N HIS A 205 -29.40 -27.37 -11.03
CA HIS A 205 -27.99 -27.69 -11.00
C HIS A 205 -27.10 -26.72 -11.77
N PRO A 206 -26.54 -25.72 -11.08
CA PRO A 206 -25.68 -24.74 -11.72
C PRO A 206 -24.38 -25.38 -12.15
N ALA A 207 -23.79 -24.79 -13.17
CA ALA A 207 -22.52 -25.21 -13.73
C ALA A 207 -21.94 -24.03 -14.45
N ASP A 208 -20.65 -23.99 -14.70
CA ASP A 208 -19.71 -24.96 -14.22
C ASP A 208 -18.74 -24.49 -13.14
N GLY A 209 -18.45 -23.19 -13.08
CA GLY A 209 -17.56 -22.64 -12.07
C GLY A 209 -16.75 -21.41 -12.46
N ILE A 210 -15.95 -20.93 -11.52
CA ILE A 210 -15.07 -19.75 -11.71
C ILE A 210 -13.67 -20.10 -11.24
N ALA A 211 -12.65 -19.48 -11.80
CA ALA A 211 -11.32 -19.80 -11.37
C ALA A 211 -10.39 -18.64 -11.50
N PHE A 212 -9.43 -18.54 -10.59
CA PHE A 212 -8.38 -17.54 -10.67
C PHE A 212 -7.22 -18.39 -11.23
N PHE A 213 -6.49 -17.87 -12.20
CA PHE A 213 -5.43 -18.68 -12.76
C PHE A 213 -4.19 -17.84 -13.06
N ILE A 214 -3.08 -18.52 -13.21
CA ILE A 214 -1.80 -17.90 -13.53
C ILE A 214 -1.35 -18.75 -14.72
N SER A 215 -1.03 -18.11 -15.84
CA SER A 215 -0.63 -18.86 -17.03
C SER A 215 0.56 -18.23 -17.70
N ASN A 216 1.00 -18.87 -18.78
CA ASN A 216 2.10 -18.35 -19.61
C ASN A 216 1.50 -17.03 -20.14
N ILE A 217 2.34 -16.05 -20.43
CA ILE A 217 1.83 -14.73 -20.87
C ILE A 217 0.89 -14.76 -22.07
N ASP A 218 1.12 -15.69 -22.99
CA ASP A 218 0.32 -15.79 -24.19
C ASP A 218 -0.79 -16.84 -24.14
N SER A 219 -1.36 -17.02 -22.97
CA SER A 219 -2.43 -17.98 -22.82
C SER A 219 -3.75 -17.50 -23.39
N SER A 220 -4.51 -18.46 -23.92
CA SER A 220 -5.81 -18.18 -24.51
C SER A 220 -6.71 -19.37 -24.27
N ILE A 221 -8.02 -19.14 -24.31
CA ILE A 221 -8.96 -20.21 -24.06
C ILE A 221 -8.80 -21.37 -25.03
N PRO A 222 -8.51 -22.56 -24.49
CA PRO A 222 -8.34 -23.74 -25.34
C PRO A 222 -9.70 -23.98 -26.02
N SER A 223 -9.68 -24.45 -27.25
CA SER A 223 -10.93 -24.71 -27.97
C SER A 223 -11.73 -25.77 -27.27
N GLY A 224 -13.04 -25.54 -27.25
CA GLY A 224 -13.95 -26.48 -26.63
C GLY A 224 -13.91 -26.56 -25.13
N SER A 225 -13.10 -25.75 -24.48
CA SER A 225 -13.03 -25.79 -23.03
C SER A 225 -14.22 -25.18 -22.29
N THR A 226 -15.44 -25.39 -22.79
CA THR A 226 -16.62 -24.90 -22.11
C THR A 226 -16.86 -25.98 -21.06
N GLY A 227 -17.96 -25.88 -20.33
CA GLY A 227 -18.26 -26.91 -19.35
C GLY A 227 -17.20 -27.18 -18.30
N ARG A 228 -16.94 -28.47 -18.08
CA ARG A 228 -16.01 -28.91 -17.08
C ARG A 228 -14.58 -28.53 -17.20
N LEU A 229 -14.15 -27.97 -18.32
CA LEU A 229 -12.75 -27.61 -18.44
C LEU A 229 -12.48 -26.20 -17.95
N LEU A 230 -13.54 -25.52 -17.52
CA LEU A 230 -13.49 -24.18 -16.94
C LEU A 230 -12.72 -23.14 -17.77
N GLY A 231 -12.54 -23.39 -19.05
CA GLY A 231 -11.83 -22.46 -19.91
C GLY A 231 -10.34 -22.47 -19.65
N LEU A 232 -9.87 -23.47 -18.93
CA LEU A 232 -8.47 -23.57 -18.59
C LEU A 232 -7.68 -24.62 -19.29
N PHE A 233 -8.26 -25.82 -19.39
CA PHE A 233 -7.59 -26.96 -19.98
C PHE A 233 -8.19 -27.50 -21.25
N PRO A 234 -7.35 -28.07 -22.12
CA PRO A 234 -7.77 -28.64 -23.41
C PRO A 234 -8.40 -30.00 -23.30
N ASP A 235 -8.23 -30.63 -22.15
CA ASP A 235 -8.77 -31.94 -21.95
C ASP A 235 -8.89 -32.21 -20.49
N ALA A 236 -9.42 -33.37 -20.16
CA ALA A 236 -9.63 -33.78 -18.80
C ALA A 236 -8.51 -34.64 -18.27
N ASN A 237 -7.31 -34.46 -18.80
CA ASN A 237 -6.17 -35.25 -18.32
C ASN A 237 -5.57 -34.66 -17.03
N ALA B 1 -0.41 14.38 -33.53
CA ALA B 1 0.48 13.26 -33.13
C ALA B 1 0.09 12.77 -31.74
N ASP B 2 1.09 12.54 -30.89
CA ASP B 2 0.82 12.06 -29.53
C ASP B 2 0.44 13.24 -28.66
N THR B 3 -0.18 12.96 -27.53
CA THR B 3 -0.57 13.97 -26.55
C THR B 3 0.42 13.71 -25.44
N ILE B 4 1.23 14.71 -25.10
CA ILE B 4 2.25 14.54 -24.08
C ILE B 4 2.20 15.50 -22.90
N VAL B 5 2.27 14.95 -21.69
CA VAL B 5 2.34 15.71 -20.45
C VAL B 5 3.59 15.08 -19.84
N ALA B 6 4.59 15.89 -19.57
CA ALA B 6 5.83 15.37 -18.99
C ALA B 6 6.46 16.36 -18.01
N VAL B 7 7.36 15.83 -17.18
CA VAL B 7 8.12 16.58 -16.20
C VAL B 7 9.54 16.33 -16.69
N GLU B 8 10.19 17.37 -17.18
CA GLU B 8 11.52 17.23 -17.71
C GLU B 8 12.60 17.71 -16.77
N LEU B 9 13.75 17.04 -16.85
CA LEU B 9 14.94 17.36 -16.09
C LEU B 9 15.88 17.68 -17.24
N ASP B 10 15.85 18.92 -17.66
CA ASP B 10 16.61 19.41 -18.80
C ASP B 10 18.01 19.82 -18.40
N THR B 11 18.99 18.97 -18.68
CA THR B 11 20.39 19.26 -18.36
C THR B 11 21.10 20.28 -19.26
N TYR B 12 20.57 20.48 -20.46
CA TYR B 12 21.17 21.39 -21.42
C TYR B 12 20.20 22.49 -21.86
N PRO B 13 20.54 23.76 -21.56
CA PRO B 13 19.70 24.91 -21.93
C PRO B 13 19.75 25.23 -23.40
N ASN B 14 18.59 25.25 -24.02
CA ASN B 14 18.48 25.56 -25.43
C ASN B 14 17.75 26.90 -25.44
N THR B 15 18.50 27.96 -25.16
CA THR B 15 17.95 29.30 -25.12
C THR B 15 17.20 29.62 -26.40
N ASP B 16 17.60 28.99 -27.49
CA ASP B 16 16.94 29.22 -28.77
C ASP B 16 15.50 28.71 -28.84
N ILE B 17 15.19 27.66 -28.08
CA ILE B 17 13.81 27.15 -28.10
C ILE B 17 13.06 27.47 -26.79
N GLY B 18 13.42 28.58 -26.17
CA GLY B 18 12.76 28.97 -24.95
C GLY B 18 13.28 28.46 -23.62
N ASP B 19 14.43 27.83 -23.58
CA ASP B 19 14.93 27.34 -22.31
C ASP B 19 15.65 28.41 -21.52
N PRO B 20 15.57 28.37 -20.18
CA PRO B 20 16.30 29.39 -19.41
C PRO B 20 17.81 29.13 -19.56
N SER B 21 18.65 30.05 -19.12
CA SER B 21 20.11 29.88 -19.25
C SER B 21 20.77 28.95 -18.24
N TYR B 22 20.12 27.87 -17.88
CA TYR B 22 20.73 26.96 -16.89
C TYR B 22 19.93 25.70 -16.85
N PRO B 23 20.53 24.62 -16.35
CA PRO B 23 19.83 23.34 -16.24
C PRO B 23 18.59 23.65 -15.44
N HIS B 24 17.48 23.04 -15.78
CA HIS B 24 16.25 23.32 -15.08
C HIS B 24 15.35 22.10 -15.17
N ILE B 25 14.26 22.15 -14.42
CA ILE B 25 13.23 21.11 -14.42
C ILE B 25 12.01 21.91 -14.89
N GLY B 26 11.10 21.25 -15.56
CA GLY B 26 9.95 21.98 -16.05
C GLY B 26 8.76 21.09 -16.23
N ILE B 27 7.64 21.71 -16.53
CA ILE B 27 6.40 21.01 -16.73
C ILE B 27 5.95 21.29 -18.14
N ASP B 28 5.94 20.24 -18.95
CA ASP B 28 5.57 20.35 -20.36
C ASP B 28 4.15 19.84 -20.62
N ILE B 29 3.31 20.69 -21.19
CA ILE B 29 1.96 20.27 -21.50
C ILE B 29 1.83 20.42 -23.03
N LYS B 30 2.00 19.30 -23.71
CA LYS B 30 1.89 19.21 -25.17
C LYS B 30 2.83 20.16 -25.92
N SER B 31 3.97 20.41 -25.29
CA SER B 31 4.98 21.28 -25.84
C SER B 31 6.26 21.10 -25.05
N VAL B 32 7.37 21.12 -25.78
CA VAL B 32 8.70 20.99 -25.20
C VAL B 32 9.08 22.32 -24.52
N ARG B 33 8.32 23.37 -24.80
CA ARG B 33 8.55 24.67 -24.18
C ARG B 33 7.77 24.66 -22.87
N SER B 34 8.47 24.33 -21.80
CA SER B 34 7.89 24.22 -20.46
C SER B 34 6.90 25.32 -20.10
N LYS B 35 5.74 24.91 -19.56
CA LYS B 35 4.75 25.85 -19.13
C LYS B 35 5.25 26.56 -17.87
N LYS B 36 6.16 25.90 -17.16
CA LYS B 36 6.71 26.41 -15.93
C LYS B 36 8.03 25.71 -15.73
N THR B 37 9.09 26.46 -15.38
CA THR B 37 10.41 25.85 -15.15
C THR B 37 10.93 26.30 -13.80
N ALA B 38 12.07 25.75 -13.41
CA ALA B 38 12.73 26.06 -12.15
C ALA B 38 14.18 25.70 -12.36
N LYS B 39 15.09 26.47 -11.79
CA LYS B 39 16.49 26.20 -11.94
C LYS B 39 16.83 24.89 -11.26
N TRP B 40 17.74 24.14 -11.86
CA TRP B 40 18.13 22.86 -11.30
C TRP B 40 19.63 22.73 -11.31
N ASN B 41 20.20 22.56 -10.13
CA ASN B 41 21.64 22.41 -10.04
C ASN B 41 21.95 20.92 -10.19
N MET B 42 22.09 20.49 -11.44
CA MET B 42 22.38 19.12 -11.76
C MET B 42 23.76 18.71 -11.26
N GLN B 43 23.87 17.52 -10.67
CA GLN B 43 25.14 17.06 -10.18
C GLN B 43 25.66 15.88 -10.97
N ASN B 44 26.55 16.19 -11.90
CA ASN B 44 27.13 15.18 -12.75
C ASN B 44 27.78 14.08 -11.93
N GLY B 45 27.40 12.84 -12.21
CA GLY B 45 27.97 11.71 -11.52
C GLY B 45 27.24 11.23 -10.29
N LYS B 46 26.32 12.03 -9.76
CA LYS B 46 25.56 11.66 -8.56
C LYS B 46 24.15 11.14 -8.86
N VAL B 47 23.67 10.24 -8.03
CA VAL B 47 22.34 9.68 -8.19
C VAL B 47 21.31 10.64 -7.60
N GLY B 48 20.37 11.04 -8.43
CA GLY B 48 19.33 11.95 -8.01
C GLY B 48 18.03 11.21 -7.81
N THR B 49 17.01 11.93 -7.36
CA THR B 49 15.68 11.39 -7.13
C THR B 49 14.67 12.44 -7.56
N ALA B 50 13.62 12.01 -8.24
CA ALA B 50 12.56 12.89 -8.69
C ALA B 50 11.27 12.32 -8.18
N HIS B 51 10.42 13.19 -7.63
CA HIS B 51 9.09 12.81 -7.13
C HIS B 51 8.10 13.68 -7.93
N ILE B 52 7.10 13.07 -8.56
CA ILE B 52 6.09 13.81 -9.31
C ILE B 52 4.73 13.46 -8.66
N ILE B 53 3.81 14.40 -8.61
CA ILE B 53 2.51 14.16 -8.01
C ILE B 53 1.44 15.03 -8.64
N TYR B 54 0.22 14.49 -8.75
CA TYR B 54 -0.92 15.19 -9.27
C TYR B 54 -2.14 14.64 -8.56
N ASN B 55 -3.14 15.48 -8.29
CA ASN B 55 -4.38 15.03 -7.65
C ASN B 55 -5.51 15.86 -8.21
N SER B 56 -6.67 15.26 -8.40
CA SER B 56 -7.81 15.97 -8.96
C SER B 56 -8.38 17.06 -8.08
N VAL B 57 -8.05 17.04 -6.79
CA VAL B 57 -8.59 18.08 -5.91
C VAL B 57 -7.95 19.42 -6.23
N ASP B 58 -6.63 19.46 -6.28
CA ASP B 58 -5.90 20.68 -6.58
C ASP B 58 -5.76 20.89 -8.06
N LYS B 59 -5.64 19.79 -8.80
CA LYS B 59 -5.41 19.83 -10.24
C LYS B 59 -4.08 20.56 -10.48
N ARG B 60 -3.10 20.25 -9.65
CA ARG B 60 -1.78 20.85 -9.73
C ARG B 60 -0.78 19.73 -9.93
N LEU B 61 0.11 19.88 -10.91
CA LEU B 61 1.14 18.87 -11.18
C LEU B 61 2.44 19.40 -10.59
N SER B 62 3.01 18.68 -9.63
CA SER B 62 4.25 19.10 -9.01
C SER B 62 5.32 18.07 -9.14
N ALA B 63 6.56 18.54 -9.08
CA ALA B 63 7.72 17.67 -9.16
C ALA B 63 8.79 18.25 -8.27
N VAL B 64 9.62 17.37 -7.73
CA VAL B 64 10.71 17.77 -6.87
C VAL B 64 11.91 16.89 -7.18
N VAL B 65 13.01 17.52 -7.56
CA VAL B 65 14.23 16.80 -7.88
C VAL B 65 15.25 17.12 -6.79
N SER B 66 15.94 16.10 -6.29
CA SER B 66 16.91 16.30 -5.24
C SER B 66 18.10 15.31 -5.22
N TYR B 67 19.20 15.75 -4.63
CA TYR B 67 20.40 14.93 -4.47
C TYR B 67 20.63 14.95 -2.97
N PRO B 68 21.21 13.87 -2.43
CA PRO B 68 21.45 13.87 -0.98
C PRO B 68 22.39 15.00 -0.52
N ASN B 69 22.02 15.62 0.60
CA ASN B 69 22.82 16.69 1.19
C ASN B 69 22.83 17.97 0.33
N ALA B 70 21.87 18.08 -0.57
CA ALA B 70 21.77 19.27 -1.39
C ALA B 70 20.33 19.76 -1.36
N ASP B 71 20.12 21.00 -1.77
CA ASP B 71 18.79 21.55 -1.80
C ASP B 71 18.06 20.87 -2.97
N SER B 72 16.76 21.03 -3.05
CA SER B 72 15.98 20.38 -4.09
C SER B 72 15.36 21.44 -4.96
N ALA B 73 15.03 21.11 -6.20
CA ALA B 73 14.40 22.06 -7.10
C ALA B 73 12.96 21.59 -7.16
N THR B 74 12.03 22.52 -7.25
CA THR B 74 10.62 22.18 -7.29
C THR B 74 9.93 23.04 -8.32
N VAL B 75 8.99 22.45 -9.06
CA VAL B 75 8.22 23.17 -10.06
C VAL B 75 6.81 22.62 -10.02
N SER B 76 5.81 23.50 -10.08
CA SER B 76 4.38 23.14 -10.01
C SER B 76 3.62 23.90 -11.06
N TYR B 77 2.61 23.29 -11.64
CA TYR B 77 1.84 23.95 -12.65
C TYR B 77 0.40 23.50 -12.60
N ASP B 78 -0.49 24.47 -12.54
CA ASP B 78 -1.92 24.23 -12.47
C ASP B 78 -2.42 23.71 -13.79
N VAL B 79 -2.95 22.49 -13.77
CA VAL B 79 -3.47 21.87 -14.99
C VAL B 79 -4.51 20.82 -14.72
N ASP B 80 -5.60 20.90 -15.46
CA ASP B 80 -6.68 19.93 -15.35
C ASP B 80 -6.42 18.92 -16.44
N LEU B 81 -5.85 17.80 -16.05
CA LEU B 81 -5.50 16.74 -17.00
C LEU B 81 -6.66 16.09 -17.77
N ASP B 82 -7.89 16.37 -17.39
CA ASP B 82 -9.05 15.79 -18.06
C ASP B 82 -9.26 16.51 -19.39
N ASN B 83 -8.77 17.74 -19.46
CA ASN B 83 -8.91 18.53 -20.67
C ASN B 83 -7.66 18.45 -21.54
N VAL B 84 -6.64 17.76 -21.05
CA VAL B 84 -5.38 17.65 -21.77
C VAL B 84 -5.18 16.23 -22.32
N LEU B 85 -5.23 15.26 -21.42
CA LEU B 85 -5.03 13.86 -21.75
C LEU B 85 -6.31 13.09 -21.94
N PRO B 86 -6.22 11.93 -22.62
CA PRO B 86 -7.38 11.08 -22.85
C PRO B 86 -7.53 10.22 -21.57
N GLU B 87 -8.70 9.62 -21.34
CA GLU B 87 -8.97 8.81 -20.15
C GLU B 87 -7.92 7.75 -19.84
N TRP B 88 -7.52 7.03 -20.89
CA TRP B 88 -6.52 5.99 -20.79
C TRP B 88 -5.23 6.45 -21.40
N VAL B 89 -4.15 6.27 -20.66
CA VAL B 89 -2.84 6.69 -21.08
C VAL B 89 -1.81 5.60 -20.74
N ARG B 90 -0.56 5.85 -21.09
CA ARG B 90 0.54 4.97 -20.72
C ARG B 90 1.52 5.94 -20.07
N VAL B 91 2.32 5.44 -19.13
CA VAL B 91 3.26 6.29 -18.42
C VAL B 91 4.65 5.75 -18.61
N GLY B 92 5.63 6.63 -18.72
CA GLY B 92 6.99 6.16 -18.93
C GLY B 92 8.07 7.16 -18.69
N LEU B 93 9.30 6.72 -18.92
CA LEU B 93 10.47 7.57 -18.79
C LEU B 93 11.09 7.72 -20.17
N SER B 94 11.69 8.87 -20.44
CA SER B 94 12.31 9.13 -21.74
C SER B 94 13.62 9.90 -21.57
N ALA B 95 14.50 9.86 -22.55
CA ALA B 95 15.78 10.57 -22.47
C ALA B 95 16.49 10.68 -23.82
N SER B 96 17.31 11.71 -23.97
CA SER B 96 18.03 11.91 -25.21
C SER B 96 19.40 12.54 -25.01
N THR B 97 20.19 12.53 -26.09
CA THR B 97 21.50 13.17 -26.14
C THR B 97 21.55 13.81 -27.51
N GLY B 98 22.52 14.70 -27.69
CA GLY B 98 22.67 15.38 -28.96
C GLY B 98 24.14 15.47 -29.25
N LEU B 99 24.64 16.69 -29.42
CA LEU B 99 26.05 16.92 -29.67
C LEU B 99 26.77 16.53 -28.40
N TYR B 100 26.16 16.94 -27.31
CA TYR B 100 26.68 16.66 -25.96
C TYR B 100 25.93 15.47 -25.44
N LYS B 101 26.56 14.77 -24.52
CA LYS B 101 25.97 13.56 -23.99
C LYS B 101 26.09 13.45 -22.48
N GLU B 102 25.54 12.37 -21.96
CA GLU B 102 25.52 12.08 -20.54
C GLU B 102 24.86 10.73 -20.48
N THR B 103 25.01 10.04 -19.38
CA THR B 103 24.36 8.76 -19.22
C THR B 103 22.98 9.14 -18.68
N ASN B 104 21.95 8.38 -19.05
CA ASN B 104 20.60 8.62 -18.59
C ASN B 104 20.12 7.31 -17.96
N THR B 105 20.87 6.89 -16.94
CA THR B 105 20.65 5.68 -16.18
C THR B 105 19.54 5.84 -15.15
N ILE B 106 18.56 4.96 -15.19
CA ILE B 106 17.46 4.97 -14.24
C ILE B 106 17.79 3.78 -13.37
N LEU B 107 17.84 4.00 -12.08
CA LEU B 107 18.18 2.94 -11.17
C LEU B 107 16.94 2.31 -10.55
N SER B 108 15.82 3.01 -10.59
CA SER B 108 14.58 2.48 -10.02
C SER B 108 13.46 3.38 -10.46
N TRP B 109 12.23 2.89 -10.37
CA TRP B 109 11.07 3.67 -10.80
C TRP B 109 9.79 3.06 -10.26
N SER B 110 8.91 3.89 -9.71
CA SER B 110 7.62 3.42 -9.19
C SER B 110 6.50 4.38 -9.55
N PHE B 111 5.27 3.89 -9.57
CA PHE B 111 4.11 4.70 -9.94
C PHE B 111 2.88 4.13 -9.29
N THR B 112 1.98 5.01 -8.88
CA THR B 112 0.73 4.64 -8.26
C THR B 112 -0.33 5.57 -8.76
N SER B 113 -1.47 5.01 -9.13
CA SER B 113 -2.59 5.81 -9.65
C SER B 113 -3.88 5.31 -9.02
N LYS B 114 -4.76 6.21 -8.65
CA LYS B 114 -6.04 5.84 -8.05
C LYS B 114 -7.16 6.68 -8.60
N LEU B 115 -8.24 6.01 -8.95
CA LEU B 115 -9.41 6.66 -9.51
C LEU B 115 -10.55 6.31 -8.53
N LYS B 116 -10.95 7.27 -7.69
CA LYS B 116 -12.00 7.05 -6.69
C LYS B 116 -13.35 7.63 -7.11
N THR B 123 -13.37 2.73 -5.68
CA THR B 123 -11.94 2.91 -5.93
C THR B 123 -11.57 2.05 -7.14
N ASN B 124 -10.33 2.24 -7.61
CA ASN B 124 -9.63 1.50 -8.67
C ASN B 124 -8.18 1.99 -8.54
N ALA B 125 -7.23 1.07 -8.51
CA ALA B 125 -5.86 1.47 -8.34
C ALA B 125 -4.84 0.65 -9.12
N LEU B 126 -3.73 1.28 -9.40
CA LEU B 126 -2.63 0.64 -10.10
C LEU B 126 -1.34 1.04 -9.38
N HIS B 127 -0.45 0.10 -9.17
CA HIS B 127 0.82 0.40 -8.56
C HIS B 127 1.88 -0.57 -9.06
N PHE B 128 3.05 -0.04 -9.37
CA PHE B 128 4.19 -0.87 -9.76
C PHE B 128 5.45 -0.29 -9.20
N MET B 129 6.43 -1.15 -8.95
CA MET B 129 7.72 -0.71 -8.44
C MET B 129 8.88 -1.48 -9.05
N PHE B 130 9.88 -0.77 -9.51
CA PHE B 130 11.04 -1.42 -10.08
C PHE B 130 12.22 -0.96 -9.27
N ASN B 131 12.63 -1.74 -8.29
CA ASN B 131 13.81 -1.41 -7.49
C ASN B 131 15.04 -1.96 -8.22
N GLN B 132 14.79 -2.58 -9.38
CA GLN B 132 15.82 -3.16 -10.20
C GLN B 132 15.18 -3.55 -11.53
N PHE B 133 15.99 -3.64 -12.56
CA PHE B 133 15.53 -4.00 -13.90
C PHE B 133 16.26 -5.22 -14.39
N SER B 134 15.51 -6.14 -14.94
CA SER B 134 16.06 -7.40 -15.47
C SER B 134 16.37 -7.35 -16.96
N LYS B 135 17.09 -8.36 -17.43
CA LYS B 135 17.49 -8.46 -18.84
C LYS B 135 16.29 -8.37 -19.76
N ASP B 136 15.23 -9.06 -19.39
CA ASP B 136 14.03 -8.97 -20.20
C ASP B 136 12.87 -8.63 -19.26
N GLN B 137 12.68 -7.33 -19.07
CA GLN B 137 11.64 -6.79 -18.23
C GLN B 137 10.39 -6.78 -19.09
N LYS B 138 9.66 -7.88 -19.09
CA LYS B 138 8.46 -8.04 -19.89
C LYS B 138 7.30 -7.07 -19.66
N ASP B 139 7.26 -6.40 -18.50
CA ASP B 139 6.22 -5.43 -18.24
C ASP B 139 6.64 -4.02 -18.65
N LEU B 140 7.77 -3.89 -19.32
CA LEU B 140 8.25 -2.60 -19.80
C LEU B 140 8.30 -2.67 -21.32
N ILE B 141 7.77 -1.63 -21.96
CA ILE B 141 7.83 -1.52 -23.41
C ILE B 141 8.99 -0.55 -23.67
N LEU B 142 10.14 -1.08 -24.09
CA LEU B 142 11.31 -0.26 -24.40
C LEU B 142 11.26 0.22 -25.84
N GLN B 143 11.63 1.47 -26.04
CA GLN B 143 11.62 2.07 -27.35
C GLN B 143 12.91 2.81 -27.52
N GLY B 144 13.40 2.87 -28.76
CA GLY B 144 14.64 3.56 -29.07
C GLY B 144 15.86 2.83 -28.59
N ASP B 145 16.81 3.56 -27.98
CA ASP B 145 18.05 2.98 -27.50
C ASP B 145 17.99 2.45 -26.10
N ALA B 146 16.79 2.45 -25.51
CA ALA B 146 16.60 1.97 -24.15
C ALA B 146 16.86 0.50 -24.01
N THR B 147 17.62 0.13 -22.98
CA THR B 147 17.95 -1.27 -22.68
C THR B 147 17.89 -1.56 -21.18
N THR B 148 17.53 -2.80 -20.83
CA THR B 148 17.47 -3.23 -19.45
C THR B 148 18.51 -4.30 -19.18
N GLY B 149 18.68 -4.64 -17.91
CA GLY B 149 19.63 -5.66 -17.53
C GLY B 149 21.04 -5.11 -17.49
N THR B 150 21.19 -3.88 -18.00
CA THR B 150 22.46 -3.19 -18.06
C THR B 150 22.89 -2.80 -16.63
N ASP B 151 23.28 -3.81 -15.85
CA ASP B 151 23.69 -3.72 -14.45
C ASP B 151 22.49 -3.75 -13.50
N GLY B 152 21.36 -4.27 -13.99
CA GLY B 152 20.16 -4.26 -13.19
C GLY B 152 19.52 -2.89 -13.34
N ASN B 153 20.12 -2.03 -14.15
CA ASN B 153 19.62 -0.70 -14.41
C ASN B 153 18.91 -0.60 -15.76
N LEU B 154 18.23 0.53 -15.97
CA LEU B 154 17.54 0.83 -17.21
C LEU B 154 18.33 1.96 -17.83
N GLU B 155 18.92 1.76 -19.00
CA GLU B 155 19.65 2.83 -19.67
C GLU B 155 18.75 3.34 -20.77
N LEU B 156 18.32 4.58 -20.65
CA LEU B 156 17.43 5.18 -21.64
C LEU B 156 18.11 5.48 -22.97
N THR B 157 19.38 5.89 -22.90
CA THR B 157 20.14 6.20 -24.10
C THR B 157 21.40 5.33 -24.18
N ARG B 158 22.00 5.26 -25.37
CA ARG B 158 23.21 4.47 -25.64
C ARG B 158 24.38 4.69 -24.71
N VAL B 159 24.95 3.59 -24.24
CA VAL B 159 26.12 3.62 -23.37
C VAL B 159 26.95 2.48 -23.93
N SER B 160 28.22 2.77 -24.22
CA SER B 160 29.12 1.81 -24.82
C SER B 160 29.73 0.92 -23.76
N SER B 161 30.38 -0.17 -24.17
CA SER B 161 31.03 -1.04 -23.17
C SER B 161 31.80 -0.30 -22.07
N ASN B 162 32.74 0.56 -22.44
CA ASN B 162 33.48 1.25 -21.41
C ASN B 162 32.62 2.09 -20.43
N GLY B 163 31.33 2.19 -20.66
CA GLY B 163 30.44 2.95 -19.79
C GLY B 163 30.24 4.35 -20.27
N SER B 164 30.73 4.68 -21.45
CA SER B 164 30.55 6.01 -21.97
C SER B 164 29.26 6.21 -22.73
N PRO B 165 28.65 7.40 -22.59
CA PRO B 165 27.41 7.71 -23.29
C PRO B 165 27.70 8.10 -24.71
N GLN B 166 26.75 7.83 -25.59
CA GLN B 166 26.86 8.14 -27.00
C GLN B 166 25.94 9.32 -27.27
N GLY B 167 26.36 10.19 -28.20
CA GLY B 167 25.56 11.34 -28.58
C GLY B 167 24.46 10.92 -29.53
N SER B 168 23.58 11.84 -29.87
CA SER B 168 22.46 11.57 -30.76
C SER B 168 21.68 10.28 -30.49
N SER B 169 21.42 10.03 -29.21
CA SER B 169 20.72 8.82 -28.78
C SER B 169 19.35 9.20 -28.24
N VAL B 170 18.38 8.29 -28.31
CA VAL B 170 17.00 8.51 -27.80
C VAL B 170 16.40 7.20 -27.40
N GLY B 171 15.80 7.14 -26.23
CA GLY B 171 15.18 5.90 -25.77
C GLY B 171 14.08 6.21 -24.77
N ARG B 172 13.11 5.33 -24.67
CA ARG B 172 12.02 5.48 -23.72
C ARG B 172 11.67 4.13 -23.14
N ALA B 173 10.95 4.14 -22.04
CA ALA B 173 10.49 2.92 -21.42
C ALA B 173 9.09 3.23 -20.87
N LEU B 174 8.08 2.50 -21.34
CA LEU B 174 6.69 2.69 -20.94
C LEU B 174 6.18 1.49 -20.14
N PHE B 175 5.38 1.72 -19.09
CA PHE B 175 4.86 0.56 -18.37
C PHE B 175 3.87 -0.11 -19.32
N TYR B 176 3.89 -1.45 -19.36
CA TYR B 176 3.07 -2.21 -20.24
C TYR B 176 1.57 -1.98 -20.23
N ALA B 177 0.96 -1.92 -19.05
CA ALA B 177 -0.49 -1.71 -18.97
C ALA B 177 -0.96 -0.27 -19.14
N PRO B 178 -2.12 -0.05 -19.75
CA PRO B 178 -2.67 1.28 -19.94
C PRO B 178 -3.15 1.70 -18.55
N VAL B 179 -3.17 3.00 -18.28
CA VAL B 179 -3.55 3.51 -16.97
C VAL B 179 -4.77 4.39 -17.13
N HIS B 180 -5.80 4.15 -16.34
CA HIS B 180 -7.01 4.95 -16.43
C HIS B 180 -6.73 6.22 -15.67
N ILE B 181 -6.26 7.23 -16.39
CA ILE B 181 -5.88 8.49 -15.77
C ILE B 181 -7.04 9.32 -15.22
N TRP B 182 -8.18 9.28 -15.88
CA TRP B 182 -9.35 10.01 -15.41
C TRP B 182 -10.61 9.36 -15.90
N GLU B 183 -11.72 9.76 -15.31
CA GLU B 183 -13.05 9.23 -15.63
C GLU B 183 -14.01 10.14 -14.88
N SER B 184 -14.85 10.89 -15.59
CA SER B 184 -15.79 11.83 -14.92
C SER B 184 -16.53 11.41 -13.65
N SER B 185 -16.94 10.14 -13.55
CA SER B 185 -17.65 9.68 -12.36
C SER B 185 -16.75 9.56 -11.11
N ALA B 186 -15.52 10.03 -11.18
CA ALA B 186 -14.61 9.95 -10.05
C ALA B 186 -14.49 11.25 -9.26
N VAL B 187 -14.47 11.11 -7.93
CA VAL B 187 -14.37 12.23 -6.99
C VAL B 187 -12.90 12.66 -6.88
N VAL B 188 -12.02 11.67 -6.79
CA VAL B 188 -10.60 11.93 -6.69
C VAL B 188 -9.75 10.98 -7.56
N ALA B 189 -9.10 11.58 -8.55
CA ALA B 189 -8.21 10.89 -9.50
C ALA B 189 -6.81 11.42 -9.14
N SER B 190 -5.83 10.53 -9.07
CA SER B 190 -4.53 10.98 -8.69
C SER B 190 -3.46 9.96 -9.01
N PHE B 191 -2.23 10.46 -9.17
CA PHE B 191 -1.07 9.61 -9.45
C PHE B 191 0.18 10.25 -8.87
N GLU B 192 1.24 9.46 -8.79
CA GLU B 192 2.53 9.93 -8.31
C GLU B 192 3.53 8.97 -8.90
N ALA B 193 4.76 9.44 -9.10
CA ALA B 193 5.79 8.62 -9.67
C ALA B 193 7.10 9.00 -9.05
N THR B 194 8.02 8.05 -9.02
CA THR B 194 9.34 8.31 -8.46
C THR B 194 10.40 7.48 -9.16
N PHE B 195 11.53 8.10 -9.43
CA PHE B 195 12.63 7.40 -10.06
C PHE B 195 13.96 7.99 -9.58
N THR B 196 15.00 7.16 -9.53
CA THR B 196 16.31 7.64 -9.15
C THR B 196 17.09 7.51 -10.44
N PHE B 197 18.01 8.42 -10.67
CA PHE B 197 18.73 8.39 -11.91
C PHE B 197 20.17 8.69 -11.67
N LEU B 198 20.98 8.45 -12.70
CA LEU B 198 22.41 8.73 -12.65
C LEU B 198 22.83 9.38 -13.95
N ILE B 199 22.91 10.72 -13.93
CA ILE B 199 23.34 11.48 -15.08
C ILE B 199 24.80 11.79 -14.92
N LYS B 200 25.60 11.20 -15.80
CA LYS B 200 27.03 11.41 -15.78
C LYS B 200 27.55 11.64 -17.19
N SER B 201 28.27 12.74 -17.36
CA SER B 201 28.82 13.08 -18.65
C SER B 201 30.28 13.48 -18.51
N PRO B 202 31.12 12.90 -19.37
CA PRO B 202 32.56 13.16 -19.42
C PRO B 202 32.87 14.57 -19.95
N ASP B 203 32.02 15.09 -20.83
CA ASP B 203 32.24 16.42 -21.36
C ASP B 203 31.74 17.54 -20.44
N SER B 204 32.26 18.74 -20.65
CA SER B 204 31.95 19.93 -19.85
C SER B 204 30.47 20.33 -19.85
N HIS B 205 29.77 19.95 -20.90
CA HIS B 205 28.38 20.28 -21.02
C HIS B 205 27.47 19.10 -21.34
N PRO B 206 26.92 18.46 -20.33
CA PRO B 206 26.06 17.31 -20.51
C PRO B 206 24.74 17.71 -21.14
N ALA B 207 24.16 16.78 -21.89
CA ALA B 207 22.88 16.94 -22.57
C ALA B 207 22.33 15.53 -22.82
N ASP B 208 21.02 15.39 -22.97
CA ASP B 208 20.12 16.52 -22.97
C ASP B 208 19.12 16.54 -21.80
N GLY B 209 18.84 15.37 -21.19
CA GLY B 209 17.94 15.29 -20.06
C GLY B 209 17.14 14.01 -19.92
N ILE B 210 16.31 13.95 -18.88
CA ILE B 210 15.42 12.80 -18.59
C ILE B 210 14.00 13.34 -18.39
N ALA B 211 12.98 12.55 -18.63
CA ALA B 211 11.62 13.03 -18.39
C ALA B 211 10.67 11.89 -18.06
N PHE B 212 9.71 12.17 -17.16
CA PHE B 212 8.64 11.24 -16.85
C PHE B 212 7.52 11.82 -17.73
N PHE B 213 6.77 10.97 -18.41
CA PHE B 213 5.71 11.48 -19.26
C PHE B 213 4.49 10.61 -19.21
N ILE B 214 3.38 11.17 -19.66
CA ILE B 214 2.09 10.46 -19.69
C ILE B 214 1.65 10.76 -21.12
N SER B 215 1.31 9.72 -21.86
CA SER B 215 0.92 9.92 -23.24
C SER B 215 -0.29 9.08 -23.61
N ASN B 216 -0.72 9.21 -24.87
CA ASN B 216 -1.81 8.40 -25.42
C ASN B 216 -1.22 6.99 -25.39
N ILE B 217 -2.05 5.99 -25.21
CA ILE B 217 -1.56 4.62 -25.10
C ILE B 217 -0.64 4.14 -26.20
N ASP B 218 -0.87 4.61 -27.43
CA ASP B 218 -0.05 4.18 -28.55
C ASP B 218 1.09 5.13 -28.91
N SER B 219 1.66 5.78 -27.90
CA SER B 219 2.73 6.71 -28.15
C SER B 219 4.06 6.04 -28.47
N SER B 220 4.81 6.67 -29.37
CA SER B 220 6.12 6.17 -29.79
C SER B 220 7.03 7.36 -30.05
N ILE B 221 8.33 7.12 -29.97
CA ILE B 221 9.29 8.19 -30.16
C ILE B 221 9.13 8.86 -31.53
N PRO B 222 8.86 10.18 -31.52
CA PRO B 222 8.71 10.92 -32.79
C PRO B 222 10.06 10.84 -33.49
N SER B 223 10.07 10.73 -34.80
CA SER B 223 11.32 10.66 -35.55
C SER B 223 12.12 11.95 -35.37
N GLY B 224 13.42 11.75 -35.19
CA GLY B 224 14.32 12.87 -35.05
C GLY B 224 14.29 13.54 -33.72
N SER B 225 13.51 13.04 -32.78
CA SER B 225 13.43 13.69 -31.47
C SER B 225 14.61 13.45 -30.54
N THR B 226 15.81 13.39 -31.09
CA THR B 226 17.01 13.24 -30.26
C THR B 226 17.25 14.67 -29.76
N GLY B 227 18.37 14.87 -29.05
CA GLY B 227 18.67 16.19 -28.56
C GLY B 227 17.59 16.86 -27.72
N ARG B 228 17.35 18.14 -28.00
CA ARG B 228 16.42 18.97 -27.27
C ARG B 228 14.96 18.56 -27.24
N LEU B 229 14.55 17.59 -28.06
CA LEU B 229 13.14 17.21 -28.05
C LEU B 229 12.84 16.12 -27.01
N LEU B 230 13.89 15.68 -26.33
CA LEU B 230 13.84 14.70 -25.27
C LEU B 230 13.09 13.42 -25.57
N GLY B 231 12.90 13.14 -26.85
CA GLY B 231 12.19 11.93 -27.24
C GLY B 231 10.70 12.05 -27.01
N LEU B 232 10.22 13.28 -26.84
CA LEU B 232 8.82 13.50 -26.56
C LEU B 232 8.04 14.17 -27.65
N PHE B 233 8.64 15.22 -28.23
CA PHE B 233 7.98 16.03 -29.23
C PHE B 233 8.59 15.99 -30.61
N PRO B 234 7.76 16.16 -31.64
CA PRO B 234 8.19 16.16 -33.04
C PRO B 234 8.86 17.43 -33.47
N ASP B 235 8.66 18.49 -32.69
CA ASP B 235 9.23 19.78 -33.04
C ASP B 235 9.33 20.60 -31.80
N ALA B 236 9.94 21.77 -31.92
CA ALA B 236 10.12 22.70 -30.82
C ALA B 236 8.98 23.71 -30.67
N ASN B 237 7.79 23.37 -31.13
CA ASN B 237 6.67 24.28 -31.01
C ASN B 237 6.06 24.28 -29.62
N ALA C 1 -3.12 27.03 24.47
CA ALA C 1 -3.79 25.71 24.68
C ALA C 1 -3.29 24.76 23.59
N ASP C 2 -4.20 24.05 22.95
CA ASP C 2 -3.84 23.12 21.89
C ASP C 2 -3.60 23.88 20.59
N THR C 3 -2.87 23.27 19.66
CA THR C 3 -2.62 23.84 18.33
C THR C 3 -3.52 22.97 17.45
N ILE C 4 -4.45 23.58 16.75
CA ILE C 4 -5.38 22.84 15.93
C ILE C 4 -5.46 23.28 14.46
N VAL C 5 -5.40 22.28 13.58
CA VAL C 5 -5.52 22.42 12.14
C VAL C 5 -6.62 21.40 11.87
N ALA C 6 -7.74 21.84 11.32
CA ALA C 6 -8.85 20.96 11.06
C ALA C 6 -9.60 21.36 9.79
N VAL C 7 -10.37 20.41 9.26
CA VAL C 7 -11.20 20.59 8.08
C VAL C 7 -12.57 20.34 8.68
N GLU C 8 -13.41 21.36 8.69
CA GLU C 8 -14.70 21.23 9.28
C GLU C 8 -15.80 21.09 8.26
N LEU C 9 -16.85 20.38 8.66
CA LEU C 9 -18.03 20.17 7.86
C LEU C 9 -19.05 20.78 8.81
N ASP C 10 -19.24 22.08 8.68
CA ASP C 10 -20.11 22.86 9.53
C ASP C 10 -21.55 22.84 9.04
N THR C 11 -22.41 22.06 9.68
CA THR C 11 -23.81 21.97 9.28
C THR C 11 -24.69 23.15 9.70
N TYR C 12 -24.26 23.89 10.71
CA TYR C 12 -25.03 25.02 11.23
C TYR C 12 -24.25 26.35 11.14
N PRO C 13 -24.76 27.30 10.35
CA PRO C 13 -24.13 28.62 10.19
C PRO C 13 -24.29 29.51 11.40
N ASN C 14 -23.16 29.95 11.92
CA ASN C 14 -23.14 30.84 13.08
C ASN C 14 -22.63 32.15 12.52
N THR C 15 -23.51 32.86 11.85
CA THR C 15 -23.20 34.14 11.22
C THR C 15 -22.60 35.10 12.24
N ASP C 16 -22.91 34.89 13.51
CA ASP C 16 -22.34 35.73 14.55
C ASP C 16 -20.84 35.53 14.75
N ILE C 17 -20.33 34.31 14.55
CA ILE C 17 -18.89 34.11 14.71
C ILE C 17 -18.19 33.97 13.39
N GLY C 18 -18.69 34.64 12.37
CA GLY C 18 -18.03 34.58 11.08
C GLY C 18 -18.42 33.52 10.07
N ASP C 19 -19.42 32.69 10.37
CA ASP C 19 -19.82 31.67 9.40
C ASP C 19 -20.68 32.22 8.28
N PRO C 20 -20.58 31.61 7.08
CA PRO C 20 -21.41 32.10 5.98
C PRO C 20 -22.86 31.70 6.26
N SER C 21 -23.79 32.19 5.46
CA SER C 21 -25.22 31.88 5.65
C SER C 21 -25.68 30.51 5.22
N TYR C 22 -24.83 29.51 5.32
CA TYR C 22 -25.26 28.22 4.83
C TYR C 22 -24.27 27.20 5.31
N PRO C 23 -24.68 25.92 5.29
CA PRO C 23 -23.77 24.86 5.70
C PRO C 23 -22.58 25.03 4.78
N HIS C 24 -21.41 24.72 5.28
CA HIS C 24 -20.20 24.90 4.49
C HIS C 24 -19.13 24.01 5.05
N ILE C 25 -18.03 23.90 4.30
CA ILE C 25 -16.86 23.12 4.72
C ILE C 25 -15.80 24.20 4.80
N GLY C 26 -14.83 24.04 5.67
CA GLY C 26 -13.83 25.08 5.80
C GLY C 26 -12.53 24.54 6.29
N ILE C 27 -11.53 25.41 6.26
CA ILE C 27 -10.18 25.06 6.69
C ILE C 27 -9.85 25.95 7.86
N ASP C 28 -9.72 25.34 9.02
CA ASP C 28 -9.42 26.06 10.24
C ASP C 28 -7.97 25.93 10.65
N ILE C 29 -7.28 27.07 10.77
CA ILE C 29 -5.89 27.05 11.21
C ILE C 29 -5.81 27.81 12.54
N LYS C 30 -5.86 27.06 13.64
CA LYS C 30 -5.80 27.59 15.00
C LYS C 30 -6.89 28.60 15.30
N SER C 31 -8.04 28.38 14.67
CA SER C 31 -9.18 29.23 14.83
C SER C 31 -10.40 28.56 14.23
N VAL C 32 -11.53 28.70 14.92
CA VAL C 32 -12.78 28.14 14.49
C VAL C 32 -13.33 29.00 13.33
N ARG C 33 -12.75 30.19 13.13
CA ARG C 33 -13.16 31.06 12.03
C ARG C 33 -12.33 30.63 10.83
N SER C 34 -12.92 29.77 10.01
CA SER C 34 -12.27 29.22 8.82
C SER C 34 -11.47 30.22 8.01
N LYS C 35 -10.25 29.81 7.65
CA LYS C 35 -9.38 30.64 6.83
C LYS C 35 -9.95 30.67 5.42
N LYS C 36 -10.72 29.64 5.07
CA LYS C 36 -11.30 29.49 3.75
C LYS C 36 -12.50 28.57 3.88
N THR C 37 -13.63 28.93 3.28
CA THR C 37 -14.82 28.09 3.36
C THR C 37 -15.35 27.85 1.99
N ALA C 38 -16.39 27.05 1.88
CA ALA C 38 -17.03 26.72 0.62
C ALA C 38 -18.41 26.25 1.00
N LYS C 39 -19.39 26.56 0.16
CA LYS C 39 -20.75 26.15 0.46
C LYS C 39 -20.88 24.65 0.40
N TRP C 40 -21.69 24.09 1.26
CA TRP C 40 -21.85 22.65 1.30
C TRP C 40 -23.32 22.32 1.41
N ASN C 41 -23.81 21.58 0.43
CA ASN C 41 -25.20 21.17 0.46
C ASN C 41 -25.30 19.85 1.20
N MET C 42 -25.41 19.97 2.52
CA MET C 42 -25.49 18.81 3.40
C MET C 42 -26.77 18.04 3.14
N GLN C 43 -26.66 16.72 3.11
CA GLN C 43 -27.82 15.88 2.87
C GLN C 43 -28.21 15.06 4.10
N ASN C 44 -29.15 15.60 4.85
CA ASN C 44 -29.61 14.96 6.05
C ASN C 44 -30.04 13.54 5.78
N GLY C 45 -29.50 12.59 6.53
CA GLY C 45 -29.88 11.20 6.38
C GLY C 45 -29.05 10.37 5.42
N LYS C 46 -28.23 11.02 4.59
CA LYS C 46 -27.38 10.30 3.63
C LYS C 46 -25.92 10.18 4.08
N VAL C 47 -25.28 9.11 3.66
CA VAL C 47 -23.88 8.87 4.00
C VAL C 47 -22.97 9.66 3.04
N GLY C 48 -22.15 10.52 3.62
CA GLY C 48 -21.23 11.33 2.86
C GLY C 48 -19.82 10.78 2.96
N THR C 49 -18.93 11.36 2.19
CA THR C 49 -17.53 10.99 2.18
C THR C 49 -16.70 12.28 2.11
N ALA C 50 -15.62 12.33 2.90
CA ALA C 50 -14.73 13.47 2.91
C ALA C 50 -13.34 12.95 2.63
N HIS C 51 -12.62 13.64 1.75
CA HIS C 51 -11.22 13.30 1.40
C HIS C 51 -10.41 14.57 1.74
N ILE C 52 -9.35 14.44 2.53
CA ILE C 52 -8.49 15.56 2.89
C ILE C 52 -7.09 15.19 2.43
N ILE C 53 -6.32 16.16 1.95
CA ILE C 53 -4.95 15.89 1.47
C ILE C 53 -4.06 17.09 1.65
N TYR C 54 -2.80 16.84 1.96
CA TYR C 54 -1.78 17.86 2.11
C TYR C 54 -0.46 17.26 1.65
N ASN C 55 0.42 18.06 1.03
CA ASN C 55 1.72 17.57 0.60
C ASN C 55 2.70 18.74 0.73
N SER C 56 3.94 18.43 1.11
CA SER C 56 4.92 19.49 1.29
C SER C 56 5.36 20.19 0.02
N VAL C 57 5.07 19.62 -1.13
CA VAL C 57 5.48 20.26 -2.37
C VAL C 57 4.64 21.50 -2.61
N ASP C 58 3.33 21.34 -2.53
CA ASP C 58 2.40 22.45 -2.75
C ASP C 58 2.17 23.23 -1.48
N LYS C 59 2.18 22.52 -0.36
CA LYS C 59 1.89 23.12 0.94
C LYS C 59 0.48 23.68 0.87
N ARG C 60 -0.41 22.89 0.29
CA ARG C 60 -1.81 23.28 0.16
C ARG C 60 -2.63 22.17 0.83
N LEU C 61 -3.56 22.57 1.69
CA LEU C 61 -4.43 21.62 2.37
C LEU C 61 -5.78 21.66 1.66
N SER C 62 -6.20 20.53 1.10
CA SER C 62 -7.46 20.47 0.39
C SER C 62 -8.38 19.43 0.95
N ALA C 63 -9.67 19.65 0.76
CA ALA C 63 -10.69 18.72 1.22
C ALA C 63 -11.81 18.70 0.21
N VAL C 64 -12.47 17.56 0.09
CA VAL C 64 -13.59 17.40 -0.83
C VAL C 64 -14.63 16.57 -0.15
N VAL C 65 -15.83 17.12 -0.03
CA VAL C 65 -16.94 16.42 0.59
C VAL C 65 -17.96 16.09 -0.51
N SER C 66 -18.46 14.86 -0.52
CA SER C 66 -19.42 14.46 -1.54
C SER C 66 -20.43 13.41 -1.11
N TYR C 67 -21.53 13.36 -1.83
CA TYR C 67 -22.59 12.37 -1.61
C TYR C 67 -22.76 11.75 -2.98
N PRO C 68 -23.09 10.46 -3.01
CA PRO C 68 -23.28 9.81 -4.32
C PRO C 68 -24.35 10.48 -5.18
N ASN C 69 -24.04 10.63 -6.46
CA ASN C 69 -24.98 11.25 -7.40
C ASN C 69 -25.24 12.72 -7.15
N ALA C 70 -24.31 13.37 -6.47
CA ALA C 70 -24.45 14.78 -6.18
C ALA C 70 -23.10 15.45 -6.41
N ASP C 71 -23.11 16.76 -6.64
CA ASP C 71 -21.88 17.51 -6.82
C ASP C 71 -21.14 17.54 -5.49
N SER C 72 -19.84 17.77 -5.53
CA SER C 72 -19.07 17.81 -4.31
C SER C 72 -18.70 19.24 -3.96
N ALA C 73 -18.33 19.46 -2.71
CA ALA C 73 -17.89 20.80 -2.26
C ALA C 73 -16.40 20.62 -2.05
N THR C 74 -15.62 21.63 -2.40
CA THR C 74 -14.17 21.57 -2.28
C THR C 74 -13.63 22.86 -1.72
N VAL C 75 -12.67 22.76 -0.82
CA VAL C 75 -12.05 23.95 -0.22
C VAL C 75 -10.58 23.66 -0.07
N SER C 76 -9.74 24.64 -0.40
CA SER C 76 -8.27 24.50 -0.35
C SER C 76 -7.68 25.72 0.28
N TYR C 77 -6.60 25.54 1.01
CA TYR C 77 -5.96 26.68 1.64
C TYR C 77 -4.47 26.49 1.72
N ASP C 78 -3.75 27.49 1.24
CA ASP C 78 -2.30 27.48 1.26
C ASP C 78 -1.74 27.63 2.66
N VAL C 79 -1.07 26.59 3.14
CA VAL C 79 -0.51 26.63 4.47
C VAL C 79 0.69 25.72 4.63
N ASP C 80 1.73 26.26 5.25
CA ASP C 80 2.96 25.53 5.52
C ASP C 80 2.81 25.01 6.94
N LEU C 81 2.43 23.75 7.06
CA LEU C 81 2.21 23.15 8.37
C LEU C 81 3.42 23.06 9.29
N ASP C 82 4.60 23.34 8.79
CA ASP C 82 5.81 23.27 9.63
C ASP C 82 5.86 24.48 10.56
N ASN C 83 5.20 25.56 10.13
CA ASN C 83 5.16 26.80 10.88
C ASN C 83 3.91 26.89 11.74
N VAL C 84 3.01 25.93 11.58
CA VAL C 84 1.77 25.92 12.33
C VAL C 84 1.77 24.83 13.43
N LEU C 85 2.00 23.60 13.03
CA LEU C 85 1.98 22.45 13.92
C LEU C 85 3.37 22.03 14.36
N PRO C 86 3.44 21.27 15.47
CA PRO C 86 4.72 20.76 15.97
C PRO C 86 5.02 19.49 15.16
N GLU C 87 6.27 19.04 15.15
CA GLU C 87 6.70 17.85 14.40
C GLU C 87 5.84 16.61 14.58
N TRP C 88 5.51 16.34 15.83
CA TRP C 88 4.69 15.20 16.19
C TRP C 88 3.32 15.69 16.61
N VAL C 89 2.31 15.03 16.05
CA VAL C 89 0.94 15.39 16.30
C VAL C 89 0.11 14.11 16.47
N ARG C 90 -1.18 14.28 16.73
CA ARG C 90 -2.13 13.17 16.78
C ARG C 90 -3.22 13.61 15.81
N VAL C 91 -3.86 12.67 15.17
CA VAL C 91 -4.90 12.99 14.20
C VAL C 91 -6.20 12.37 14.65
N GLY C 92 -7.32 13.04 14.38
CA GLY C 92 -8.59 12.48 14.80
C GLY C 92 -9.79 13.13 14.21
N LEU C 93 -10.95 12.67 14.64
CA LEU C 93 -12.23 13.18 14.21
C LEU C 93 -12.91 13.78 15.43
N SER C 94 -13.70 14.83 15.23
CA SER C 94 -14.40 15.50 16.32
C SER C 94 -15.81 15.89 15.88
N ALA C 95 -16.71 16.16 16.83
CA ALA C 95 -18.08 16.57 16.50
C ALA C 95 -18.86 17.11 17.69
N SER C 96 -19.82 17.97 17.42
CA SER C 96 -20.61 18.54 18.47
C SER C 96 -22.05 18.81 18.09
N THR C 97 -22.85 19.11 19.10
CA THR C 97 -24.25 19.52 18.93
C THR C 97 -24.44 20.67 19.92
N GLY C 98 -25.49 21.43 19.74
CA GLY C 98 -25.76 22.53 20.63
C GLY C 98 -27.24 22.45 20.92
N LEU C 99 -27.94 23.52 20.58
CA LEU C 99 -29.37 23.59 20.77
C LEU C 99 -29.98 22.61 19.78
N TYR C 100 -29.42 22.65 18.58
CA TYR C 100 -29.83 21.77 17.49
C TYR C 100 -28.90 20.58 17.46
N LYS C 101 -29.42 19.47 16.98
CA LYS C 101 -28.64 18.26 16.95
C LYS C 101 -28.68 17.51 15.63
N GLU C 102 -27.88 16.45 15.58
CA GLU C 102 -27.76 15.62 14.39
C GLU C 102 -26.91 14.48 14.88
N THR C 103 -26.99 13.37 14.18
CA THR C 103 -26.17 12.24 14.52
C THR C 103 -24.84 12.59 13.83
N ASN C 104 -23.73 12.21 14.45
CA ASN C 104 -22.41 12.47 13.88
C ASN C 104 -21.71 11.11 13.83
N THR C 105 -22.35 10.20 13.11
CA THR C 105 -21.91 8.83 12.93
C THR C 105 -20.80 8.72 11.88
N ILE C 106 -19.69 8.12 12.26
CA ILE C 106 -18.57 7.91 11.35
C ILE C 106 -18.68 6.42 11.05
N LEU C 107 -18.73 6.07 9.78
CA LEU C 107 -18.86 4.69 9.39
C LEU C 107 -17.52 4.05 9.07
N SER C 108 -16.52 4.87 8.76
CA SER C 108 -15.19 4.37 8.45
C SER C 108 -14.23 5.52 8.46
N TRP C 109 -12.94 5.24 8.54
CA TRP C 109 -11.93 6.29 8.56
C TRP C 109 -10.55 5.71 8.29
N SER C 110 -9.80 6.36 7.42
CA SER C 110 -8.43 5.94 7.13
C SER C 110 -7.47 7.14 7.04
N PHE C 111 -6.18 6.87 7.21
CA PHE C 111 -5.19 7.92 7.19
C PHE C 111 -3.84 7.34 6.76
N THR C 112 -3.07 8.11 6.03
CA THR C 112 -1.76 7.72 5.57
C THR C 112 -0.89 8.93 5.63
N SER C 113 0.32 8.76 6.14
CA SER C 113 1.27 9.83 6.26
C SER C 113 2.65 9.34 5.88
N LYS C 114 3.39 10.15 5.12
CA LYS C 114 4.73 9.76 4.70
C LYS C 114 5.68 10.91 4.84
N LEU C 115 6.82 10.62 5.43
CA LEU C 115 7.87 11.59 5.62
C LEU C 115 9.06 11.01 4.85
N LYS C 116 9.27 11.51 3.64
CA LYS C 116 10.39 11.03 2.83
C LYS C 116 11.43 12.09 2.57
N THR C 123 12.50 7.05 3.88
CA THR C 123 11.04 7.05 3.80
C THR C 123 10.41 6.36 5.00
N ASN C 124 9.64 7.13 5.75
CA ASN C 124 8.92 6.64 6.93
C ASN C 124 7.44 6.80 6.63
N ALA C 125 6.64 5.84 7.08
CA ALA C 125 5.23 5.92 6.79
C ALA C 125 4.32 5.37 7.86
N LEU C 126 3.10 5.90 7.90
CA LEU C 126 2.10 5.42 8.82
C LEU C 126 0.79 5.28 8.05
N HIS C 127 0.07 4.18 8.25
CA HIS C 127 -1.22 4.01 7.59
C HIS C 127 -2.15 3.17 8.46
N PHE C 128 -3.40 3.59 8.57
CA PHE C 128 -4.40 2.84 9.32
C PHE C 128 -5.73 2.94 8.60
N MET C 129 -6.56 1.93 8.75
CA MET C 129 -7.87 1.92 8.14
C MET C 129 -8.90 1.29 9.07
N PHE C 130 -10.04 1.94 9.21
CA PHE C 130 -11.11 1.42 10.02
C PHE C 130 -12.31 1.32 9.13
N ASN C 131 -12.56 0.15 8.57
CA ASN C 131 -13.74 -0.06 7.75
C ASN C 131 -14.88 -0.44 8.67
N GLN C 132 -14.59 -0.48 9.96
CA GLN C 132 -15.55 -0.82 10.98
C GLN C 132 -14.91 -0.53 12.34
N PHE C 133 -15.75 -0.30 13.34
CA PHE C 133 -15.30 -0.01 14.68
C PHE C 133 -15.84 -1.03 15.67
N SER C 134 -14.98 -1.50 16.55
CA SER C 134 -15.36 -2.49 17.53
C SER C 134 -15.72 -1.87 18.88
N LYS C 135 -16.31 -2.70 19.75
CA LYS C 135 -16.74 -2.28 21.08
C LYS C 135 -15.59 -1.64 21.84
N ASP C 136 -14.42 -2.25 21.76
CA ASP C 136 -13.28 -1.67 22.42
C ASP C 136 -12.17 -1.57 21.41
N GLN C 137 -12.18 -0.47 20.68
CA GLN C 137 -11.20 -0.15 19.66
C GLN C 137 -9.99 0.42 20.42
N LYS C 138 -9.09 -0.47 20.84
CA LYS C 138 -7.91 -0.10 21.60
C LYS C 138 -6.88 0.85 20.94
N ASP C 139 -6.93 0.98 19.62
CA ASP C 139 -6.03 1.92 18.96
C ASP C 139 -6.69 3.31 18.76
N LEU C 140 -7.85 3.52 19.35
CA LEU C 140 -8.54 4.81 19.28
C LEU C 140 -8.63 5.37 20.68
N ILE C 141 -8.31 6.64 20.81
CA ILE C 141 -8.43 7.32 22.09
C ILE C 141 -9.73 8.11 21.95
N LEU C 142 -10.79 7.64 22.61
CA LEU C 142 -12.08 8.32 22.58
C LEU C 142 -12.16 9.35 23.68
N GLN C 143 -12.72 10.50 23.36
CA GLN C 143 -12.86 11.59 24.31
C GLN C 143 -14.27 12.14 24.21
N GLY C 144 -14.79 12.61 25.34
CA GLY C 144 -16.14 13.17 25.35
C GLY C 144 -17.23 12.11 25.26
N ASP C 145 -18.24 12.36 24.44
CA ASP C 145 -19.37 11.45 24.28
C ASP C 145 -19.16 10.40 23.22
N ALA C 146 -17.97 10.36 22.63
CA ALA C 146 -17.64 9.40 21.58
C ALA C 146 -17.67 7.96 22.06
N THR C 147 -18.34 7.11 21.28
CA THR C 147 -18.44 5.69 21.60
C THR C 147 -18.28 4.81 20.36
N THR C 148 -17.73 3.62 20.54
CA THR C 148 -17.55 2.69 19.44
C THR C 148 -18.39 1.43 19.70
N GLY C 149 -18.49 0.59 18.67
CA GLY C 149 -19.23 -0.64 18.80
C GLY C 149 -20.69 -0.38 18.56
N THR C 150 -21.05 0.91 18.54
CA THR C 150 -22.42 1.36 18.32
C THR C 150 -22.82 1.05 16.86
N ASP C 151 -23.07 -0.23 16.61
CA ASP C 151 -23.42 -0.79 15.29
C ASP C 151 -22.19 -1.01 14.41
N GLY C 152 -21.02 -1.10 15.03
CA GLY C 152 -19.80 -1.25 14.27
C GLY C 152 -19.38 0.14 13.83
N ASN C 153 -20.14 1.15 14.25
CA ASN C 153 -19.86 2.54 13.92
C ASN C 153 -19.24 3.31 15.08
N LEU C 154 -18.74 4.49 14.78
CA LEU C 154 -18.15 5.38 15.76
C LEU C 154 -19.12 6.55 15.86
N GLU C 155 -19.71 6.75 17.04
CA GLU C 155 -20.64 7.86 17.23
C GLU C 155 -19.87 8.91 18.01
N LEU C 156 -19.59 10.02 17.36
CA LEU C 156 -18.85 11.11 17.99
C LEU C 156 -19.63 11.81 19.10
N THR C 157 -20.93 11.98 18.91
CA THR C 157 -21.78 12.63 19.90
C THR C 157 -22.89 11.68 20.36
N ARG C 158 -23.49 12.00 21.51
CA ARG C 158 -24.59 11.23 22.11
C ARG C 158 -25.76 10.87 21.20
N VAL C 159 -26.12 9.60 21.23
CA VAL C 159 -27.25 9.09 20.48
C VAL C 159 -27.93 8.15 21.45
N SER C 160 -29.23 8.34 21.62
CA SER C 160 -30.02 7.57 22.56
C SER C 160 -30.49 6.27 21.99
N SER C 161 -30.86 5.30 22.81
CA SER C 161 -31.42 4.04 22.32
C SER C 161 -32.24 4.19 21.04
N ASN C 162 -33.40 4.86 21.09
CA ASN C 162 -34.13 5.01 19.86
C ASN C 162 -33.35 5.52 18.61
N GLY C 163 -32.06 5.86 18.74
CA GLY C 163 -31.33 6.36 17.60
C GLY C 163 -31.35 7.86 17.44
N SER C 164 -31.92 8.56 18.39
CA SER C 164 -31.96 10.00 18.31
C SER C 164 -30.75 10.68 18.90
N PRO C 165 -30.32 11.78 18.27
CA PRO C 165 -29.16 12.53 18.74
C PRO C 165 -29.57 13.42 19.87
N GLN C 166 -28.63 13.67 20.77
CA GLN C 166 -28.86 14.53 21.92
C GLN C 166 -28.12 15.84 21.66
N GLY C 167 -28.69 16.94 22.17
CA GLY C 167 -28.09 18.26 22.02
C GLY C 167 -26.98 18.46 23.03
N SER C 168 -26.26 19.54 22.91
CA SER C 168 -25.14 19.84 23.82
C SER C 168 -24.18 18.72 24.05
N SER C 169 -23.82 17.99 22.98
CA SER C 169 -22.93 16.85 23.08
C SER C 169 -21.61 17.17 22.38
N VAL C 170 -20.51 16.53 22.83
CA VAL C 170 -19.18 16.74 22.22
C VAL C 170 -18.38 15.47 22.39
N GLY C 171 -17.71 15.03 21.32
CA GLY C 171 -16.90 13.83 21.40
C GLY C 171 -15.83 13.83 20.34
N ARG C 172 -14.74 13.15 20.57
CA ARG C 172 -13.65 13.10 19.62
C ARG C 172 -13.06 11.70 19.64
N ALA C 173 -12.30 11.36 18.61
CA ALA C 173 -11.65 10.07 18.54
C ALA C 173 -10.30 10.35 17.88
N LEU C 174 -9.21 10.02 18.58
CA LEU C 174 -7.85 10.26 18.07
C LEU C 174 -7.14 8.93 17.83
N PHE C 175 -6.32 8.83 16.78
CA PHE C 175 -5.62 7.58 16.57
C PHE C 175 -4.57 7.52 17.69
N TYR C 176 -4.38 6.34 18.27
CA TYR C 176 -3.49 6.14 19.39
C TYR C 176 -2.05 6.56 19.25
N ALA C 177 -1.41 6.24 18.13
CA ALA C 177 0.00 6.61 17.95
C ALA C 177 0.20 8.04 17.45
N PRO C 178 1.29 8.70 17.89
CA PRO C 178 1.63 10.06 17.49
C PRO C 178 2.12 9.93 16.06
N VAL C 179 1.90 10.97 15.27
CA VAL C 179 2.27 10.95 13.85
C VAL C 179 3.35 12.01 13.59
N HIS C 180 4.45 11.62 12.95
CA HIS C 180 5.53 12.56 12.68
C HIS C 180 5.10 13.34 11.46
N ILE C 181 4.44 14.47 11.71
CA ILE C 181 3.89 15.30 10.63
C ILE C 181 4.92 16.00 9.76
N TRP C 182 6.02 16.43 10.35
CA TRP C 182 7.09 17.06 9.58
C TRP C 182 8.43 16.87 10.26
N GLU C 183 9.48 17.17 9.52
CA GLU C 183 10.85 17.02 10.00
C GLU C 183 11.70 17.67 8.91
N SER C 184 12.41 18.75 9.23
CA SER C 184 13.20 19.46 8.21
C SER C 184 14.05 18.67 7.20
N SER C 185 14.65 17.56 7.61
CA SER C 185 15.46 16.78 6.70
C SER C 185 14.64 16.01 5.64
N ALA C 186 13.35 16.28 5.56
CA ALA C 186 12.50 15.59 4.59
C ALA C 186 12.23 16.42 3.34
N VAL C 187 12.27 15.74 2.19
CA VAL C 187 12.03 16.34 0.86
C VAL C 187 10.52 16.46 0.62
N VAL C 188 9.81 15.40 0.97
CA VAL C 188 8.36 15.38 0.82
C VAL C 188 7.65 14.76 2.03
N ALA C 189 6.89 15.60 2.72
CA ALA C 189 6.07 15.23 3.89
C ALA C 189 4.62 15.34 3.38
N SER C 190 3.78 14.36 3.71
CA SER C 190 2.44 14.40 3.21
C SER C 190 1.52 13.45 3.93
N PHE C 191 0.23 13.78 3.92
CA PHE C 191 -0.79 12.96 4.55
C PHE C 191 -2.10 13.10 3.80
N GLU C 192 -3.03 12.21 4.08
CA GLU C 192 -4.36 12.22 3.48
C GLU C 192 -5.24 11.44 4.43
N ALA C 193 -6.52 11.74 4.44
CA ALA C 193 -7.44 11.07 5.33
C ALA C 193 -8.75 10.95 4.66
N THR C 194 -9.53 9.97 5.07
CA THR C 194 -10.84 9.76 4.49
C THR C 194 -11.79 9.14 5.49
N PHE C 195 -13.02 9.62 5.51
CA PHE C 195 -14.02 9.09 6.41
C PHE C 195 -15.38 9.22 5.76
N THR C 196 -16.30 8.31 6.09
CA THR C 196 -17.65 8.36 5.59
C THR C 196 -18.44 8.66 6.82
N PHE C 197 -19.51 9.41 6.68
CA PHE C 197 -20.27 9.81 7.85
C PHE C 197 -21.73 9.74 7.57
N LEU C 198 -22.52 9.86 8.61
CA LEU C 198 -23.97 9.86 8.48
C LEU C 198 -24.54 10.91 9.42
N ILE C 199 -24.83 12.07 8.86
CA ILE C 199 -25.41 13.18 9.61
C ILE C 199 -26.89 13.18 9.36
N LYS C 200 -27.63 12.87 10.42
CA LYS C 200 -29.07 12.83 10.36
C LYS C 200 -29.68 13.54 11.56
N SER C 201 -30.54 14.48 11.29
CA SER C 201 -31.20 15.23 12.34
C SER C 201 -32.70 15.32 12.10
N PRO C 202 -33.48 15.01 13.14
CA PRO C 202 -34.94 15.04 13.11
C PRO C 202 -35.47 16.47 13.02
N ASP C 203 -34.75 17.43 13.59
CA ASP C 203 -35.19 18.80 13.54
C ASP C 203 -34.82 19.48 12.22
N SER C 204 -35.54 20.56 11.92
CA SER C 204 -35.36 21.32 10.70
C SER C 204 -33.98 21.93 10.53
N HIS C 205 -33.24 22.04 11.62
CA HIS C 205 -31.95 22.64 11.55
C HIS C 205 -30.89 21.86 12.33
N PRO C 206 -30.16 20.97 11.65
CA PRO C 206 -29.13 20.15 12.24
C PRO C 206 -27.91 21.00 12.61
N ALA C 207 -27.20 20.56 13.62
CA ALA C 207 -26.01 21.19 14.14
C ALA C 207 -25.29 20.14 14.96
N ASP C 208 -23.98 20.28 15.11
CA ASP C 208 -23.25 21.43 14.58
C ASP C 208 -22.22 21.11 13.49
N GLY C 209 -21.76 19.86 13.43
CA GLY C 209 -20.77 19.47 12.42
C GLY C 209 -19.77 18.40 12.77
N ILE C 210 -18.91 18.04 11.83
CA ILE C 210 -17.86 17.03 12.02
C ILE C 210 -16.57 17.65 11.53
N ALA C 211 -15.44 17.20 12.06
CA ALA C 211 -14.17 17.76 11.62
C ALA C 211 -13.06 16.77 11.76
N PHE C 212 -12.10 16.82 10.83
CA PHE C 212 -10.92 16.00 10.90
C PHE C 212 -9.92 17.03 11.44
N PHE C 213 -9.10 16.66 12.39
CA PHE C 213 -8.17 17.62 12.91
C PHE C 213 -6.82 17.01 13.17
N ILE C 214 -5.82 17.86 13.30
CA ILE C 214 -4.44 17.45 13.59
C ILE C 214 -4.11 18.35 14.78
N SER C 215 -3.61 17.79 15.86
CA SER C 215 -3.32 18.59 17.04
C SER C 215 -2.01 18.17 17.69
N ASN C 216 -1.65 18.88 18.76
CA ASN C 216 -0.48 18.55 19.57
C ASN C 216 -0.86 17.18 20.15
N ILE C 217 0.14 16.35 20.39
CA ILE C 217 -0.16 14.98 20.85
C ILE C 217 -1.05 14.86 22.07
N ASP C 218 -0.93 15.82 22.99
CA ASP C 218 -1.72 15.76 24.21
C ASP C 218 -2.98 16.59 24.18
N SER C 219 -3.60 16.69 23.02
CA SER C 219 -4.82 17.46 22.90
C SER C 219 -6.04 16.77 23.50
N SER C 220 -6.93 17.58 24.05
CA SER C 220 -8.16 17.12 24.67
C SER C 220 -9.24 18.15 24.43
N ILE C 221 -10.49 17.71 24.50
CA ILE C 221 -11.60 18.60 24.27
C ILE C 221 -11.60 19.78 25.23
N PRO C 222 -11.54 21.00 24.69
CA PRO C 222 -11.55 22.19 25.53
C PRO C 222 -12.91 22.21 26.23
N SER C 223 -12.94 22.67 27.48
CA SER C 223 -14.20 22.73 28.23
C SER C 223 -15.19 23.68 27.55
N GLY C 224 -16.43 23.22 27.52
CA GLY C 224 -17.50 24.01 26.95
C GLY C 224 -17.51 24.08 25.46
N SER C 225 -16.63 23.36 24.79
CA SER C 225 -16.59 23.42 23.33
C SER C 225 -17.68 22.62 22.61
N THR C 226 -18.89 22.64 23.15
CA THR C 226 -20.00 21.97 22.51
C THR C 226 -20.45 22.97 21.48
N GLY C 227 -21.53 22.69 20.78
CA GLY C 227 -22.00 23.65 19.81
C GLY C 227 -21.01 24.07 18.73
N ARG C 228 -20.96 25.38 18.48
CA ARG C 228 -20.16 25.98 17.43
C ARG C 228 -18.67 25.81 17.51
N LEU C 229 -18.14 25.36 18.65
CA LEU C 229 -16.70 25.23 18.75
C LEU C 229 -16.20 23.88 18.25
N LEU C 230 -17.14 23.04 17.85
CA LEU C 230 -16.90 21.72 17.26
C LEU C 230 -16.00 20.80 18.05
N GLY C 231 -15.81 21.10 19.33
CA GLY C 231 -14.93 20.30 20.17
C GLY C 231 -13.47 20.55 19.87
N LEU C 232 -13.19 21.65 19.20
CA LEU C 232 -11.81 21.95 18.80
C LEU C 232 -11.19 23.13 19.50
N PHE C 233 -11.97 24.20 19.61
CA PHE C 233 -11.47 25.45 20.18
C PHE C 233 -12.14 25.89 21.47
N PRO C 234 -11.38 26.62 22.30
CA PRO C 234 -11.85 27.13 23.58
C PRO C 234 -12.71 28.35 23.47
N ASP C 235 -12.66 28.99 22.31
CA ASP C 235 -13.42 30.22 22.12
C ASP C 235 -13.62 30.46 20.65
N ALA C 236 -14.34 31.52 20.30
CA ALA C 236 -14.63 31.85 18.91
C ALA C 236 -13.69 32.92 18.35
N ASN C 237 -12.45 32.94 18.80
CA ASN C 237 -11.52 33.93 18.28
C ASN C 237 -10.86 33.42 17.00
N ALA D 1 2.68 -14.03 33.47
CA ALA D 1 3.30 -12.73 33.10
C ALA D 1 2.82 -12.32 31.71
N ASP D 2 3.73 -11.96 30.83
CA ASP D 2 3.37 -11.55 29.49
C ASP D 2 3.16 -12.78 28.65
N THR D 3 2.46 -12.60 27.53
CA THR D 3 2.24 -13.68 26.56
C THR D 3 3.15 -13.28 25.41
N ILE D 4 4.11 -14.12 25.08
CA ILE D 4 5.05 -13.81 24.02
C ILE D 4 5.13 -14.80 22.86
N VAL D 5 5.09 -14.28 21.65
CA VAL D 5 5.25 -15.03 20.41
C VAL D 5 6.36 -14.22 19.75
N ALA D 6 7.48 -14.86 19.46
CA ALA D 6 8.60 -14.15 18.86
C ALA D 6 9.35 -15.03 17.88
N VAL D 7 10.14 -14.39 17.02
CA VAL D 7 11.01 -15.03 16.02
C VAL D 7 12.36 -14.54 16.48
N GLU D 8 13.18 -15.45 16.98
CA GLU D 8 14.50 -15.07 17.46
C GLU D 8 15.59 -15.40 16.49
N LEU D 9 16.61 -14.56 16.53
CA LEU D 9 17.82 -14.72 15.75
C LEU D 9 18.83 -14.86 16.91
N ASP D 10 19.00 -16.10 17.36
CA ASP D 10 19.88 -16.44 18.47
C ASP D 10 21.32 -16.64 18.04
N THR D 11 22.16 -15.64 18.28
CA THR D 11 23.58 -15.71 17.90
C THR D 11 24.46 -16.58 18.79
N TYR D 12 24.00 -16.85 20.02
CA TYR D 12 24.76 -17.63 20.97
C TYR D 12 24.00 -18.85 21.45
N PRO D 13 24.52 -20.06 21.18
CA PRO D 13 23.88 -21.32 21.58
C PRO D 13 23.99 -21.64 23.07
N ASN D 14 22.84 -21.86 23.75
CA ASN D 14 22.77 -22.22 25.19
C ASN D 14 22.23 -23.63 25.26
N THR D 15 23.11 -24.59 25.02
CA THR D 15 22.74 -26.00 25.00
C THR D 15 22.08 -26.45 26.30
N ASP D 16 22.32 -25.72 27.38
CA ASP D 16 21.77 -26.04 28.69
C ASP D 16 20.29 -25.75 28.82
N ILE D 17 19.79 -24.78 28.05
CA ILE D 17 18.36 -24.48 28.07
C ILE D 17 17.65 -24.91 26.78
N GLY D 18 18.17 -25.96 26.14
CA GLY D 18 17.57 -26.49 24.93
C GLY D 18 17.96 -25.90 23.58
N ASP D 19 19.06 -25.16 23.51
CA ASP D 19 19.45 -24.57 22.25
C ASP D 19 20.32 -25.54 21.47
N PRO D 20 20.23 -25.53 20.13
CA PRO D 20 21.07 -26.43 19.37
C PRO D 20 22.53 -25.93 19.51
N SER D 21 23.51 -26.68 19.01
CA SER D 21 24.91 -26.25 19.16
C SER D 21 25.41 -25.22 18.17
N TYR D 22 24.54 -24.32 17.73
CA TYR D 22 25.01 -23.35 16.77
C TYR D 22 24.03 -22.23 16.72
N PRO D 23 24.45 -21.08 16.19
CA PRO D 23 23.57 -19.92 16.07
C PRO D 23 22.37 -20.42 15.28
N HIS D 24 21.20 -19.97 15.63
CA HIS D 24 20.01 -20.43 14.94
C HIS D 24 18.91 -19.39 14.97
N ILE D 25 17.91 -19.59 14.12
CA ILE D 25 16.73 -18.73 14.12
C ILE D 25 15.65 -19.68 14.64
N GLY D 26 14.64 -19.16 15.34
CA GLY D 26 13.66 -20.05 15.90
C GLY D 26 12.35 -19.38 16.10
N ILE D 27 11.35 -20.18 16.43
CA ILE D 27 10.00 -19.68 16.66
C ILE D 27 9.64 -19.99 18.08
N ASP D 28 9.48 -18.96 18.87
CA ASP D 28 9.16 -19.10 20.29
C ASP D 28 7.70 -18.83 20.57
N ILE D 29 7.00 -19.78 21.15
CA ILE D 29 5.63 -19.57 21.51
C ILE D 29 5.55 -19.72 23.03
N LYS D 30 5.55 -18.57 23.71
CA LYS D 30 5.47 -18.48 25.17
C LYS D 30 6.56 -19.27 25.88
N SER D 31 7.71 -19.37 25.23
CA SER D 31 8.85 -20.08 25.75
C SER D 31 10.09 -19.73 24.95
N VAL D 32 11.19 -19.51 25.66
CA VAL D 32 12.49 -19.17 25.07
C VAL D 32 13.05 -20.44 24.38
N ARG D 33 12.47 -21.60 24.71
CA ARG D 33 12.88 -22.85 24.07
C ARG D 33 12.07 -22.98 22.78
N SER D 34 12.68 -22.55 21.68
CA SER D 34 12.06 -22.55 20.36
C SER D 34 11.26 -23.78 20.02
N LYS D 35 10.05 -23.56 19.53
CA LYS D 35 9.19 -24.67 19.12
C LYS D 35 9.78 -25.30 17.85
N LYS D 36 10.54 -24.50 17.11
CA LYS D 36 11.16 -24.95 15.88
C LYS D 36 12.35 -24.05 15.65
N THR D 37 13.49 -24.62 15.29
CA THR D 37 14.68 -23.81 15.01
C THR D 37 15.23 -24.18 13.65
N ALA D 38 16.28 -23.47 13.24
CA ALA D 38 16.95 -23.71 11.97
C ALA D 38 18.33 -23.12 12.14
N LYS D 39 19.34 -23.73 11.55
CA LYS D 39 20.69 -23.24 11.67
C LYS D 39 20.80 -21.91 10.97
N TRP D 40 21.61 -21.03 11.52
CA TRP D 40 21.75 -19.71 10.94
C TRP D 40 23.20 -19.36 10.92
N ASN D 41 23.72 -19.08 9.73
CA ASN D 41 25.12 -18.71 9.60
C ASN D 41 25.21 -17.20 9.72
N MET D 42 25.30 -16.75 10.96
CA MET D 42 25.38 -15.32 11.27
C MET D 42 26.67 -14.70 10.72
N GLN D 43 26.57 -13.53 10.14
CA GLN D 43 27.72 -12.87 9.59
C GLN D 43 28.08 -11.61 10.35
N ASN D 44 29.00 -11.78 11.28
CA ASN D 44 29.46 -10.67 12.10
C ASN D 44 29.91 -9.49 11.26
N GLY D 45 29.35 -8.33 11.52
CA GLY D 45 29.71 -7.11 10.80
C GLY D 45 28.88 -6.78 9.57
N LYS D 46 28.07 -7.73 9.10
CA LYS D 46 27.24 -7.50 7.90
C LYS D 46 25.79 -7.21 8.23
N VAL D 47 25.15 -6.42 7.40
CA VAL D 47 23.75 -6.08 7.59
C VAL D 47 22.86 -7.20 7.06
N GLY D 48 22.02 -7.73 7.93
CA GLY D 48 21.12 -8.80 7.54
C GLY D 48 19.72 -8.27 7.36
N THR D 49 18.82 -9.15 6.93
CA THR D 49 17.42 -8.83 6.72
C THR D 49 16.61 -10.01 7.20
N ALA D 50 15.53 -9.74 7.91
CA ALA D 50 14.62 -10.78 8.39
C ALA D 50 13.22 -10.41 7.90
N HIS D 51 12.50 -11.40 7.38
CA HIS D 51 11.13 -11.25 6.90
C HIS D 51 10.32 -12.25 7.73
N ILE D 52 9.25 -11.81 8.38
CA ILE D 52 8.37 -12.70 9.17
C ILE D 52 6.98 -12.58 8.56
N ILE D 53 6.22 -13.68 8.52
CA ILE D 53 4.88 -13.65 7.96
C ILE D 53 3.98 -14.67 8.61
N TYR D 54 2.71 -14.31 8.74
CA TYR D 54 1.69 -15.20 9.31
C TYR D 54 0.38 -14.83 8.61
N ASN D 55 -0.49 -15.81 8.41
CA ASN D 55 -1.80 -15.57 7.79
C ASN D 55 -2.78 -16.57 8.38
N SER D 56 -4.01 -16.15 8.58
CA SER D 56 -5.00 -17.03 9.18
C SER D 56 -5.41 -18.22 8.32
N VAL D 57 -5.13 -18.17 7.03
CA VAL D 57 -5.51 -19.28 6.17
C VAL D 57 -4.67 -20.50 6.49
N ASP D 58 -3.35 -20.33 6.49
CA ASP D 58 -2.43 -21.42 6.80
C ASP D 58 -2.21 -21.59 8.29
N LYS D 59 -2.23 -20.47 9.01
CA LYS D 59 -1.98 -20.45 10.44
C LYS D 59 -0.54 -20.95 10.65
N ARG D 60 0.36 -20.51 9.78
CA ARG D 60 1.75 -20.91 9.84
C ARG D 60 2.57 -19.64 9.99
N LEU D 61 3.48 -19.61 10.96
CA LEU D 61 4.34 -18.45 11.20
C LEU D 61 5.69 -18.77 10.60
N SER D 62 6.12 -17.99 9.62
CA SER D 62 7.40 -18.21 8.96
C SER D 62 8.31 -17.01 9.05
N ALA D 63 9.59 -17.28 8.97
CA ALA D 63 10.62 -16.25 9.02
C ALA D 63 11.76 -16.66 8.10
N VAL D 64 12.41 -15.67 7.53
CA VAL D 64 13.53 -15.91 6.65
C VAL D 64 14.56 -14.85 6.92
N VAL D 65 15.76 -15.30 7.27
CA VAL D 65 16.87 -14.39 7.56
C VAL D 65 17.90 -14.54 6.45
N SER D 66 18.40 -13.42 5.93
CA SER D 66 19.36 -13.48 4.85
C SER D 66 20.40 -12.34 4.82
N TYR D 67 21.60 -12.65 4.35
CA TYR D 67 22.67 -11.68 4.19
C TYR D 67 22.89 -11.65 2.70
N PRO D 68 23.26 -10.51 2.15
CA PRO D 68 23.47 -10.49 0.70
C PRO D 68 24.58 -11.46 0.24
N ASN D 69 24.28 -12.14 -0.87
CA ASN D 69 25.20 -13.10 -1.48
C ASN D 69 25.44 -14.33 -0.62
N ALA D 70 24.45 -14.67 0.21
CA ALA D 70 24.59 -15.82 1.05
C ALA D 70 23.25 -16.48 1.12
N ASP D 71 23.25 -17.75 1.46
CA ASP D 71 22.01 -18.49 1.58
C ASP D 71 21.24 -17.93 2.78
N SER D 72 19.95 -18.19 2.80
CA SER D 72 19.11 -17.70 3.87
C SER D 72 18.73 -18.86 4.75
N ALA D 73 18.31 -18.54 5.94
CA ALA D 73 17.86 -19.55 6.86
C ALA D 73 16.35 -19.31 6.95
N THR D 74 15.57 -20.37 7.05
CA THR D 74 14.12 -20.28 7.12
C THR D 74 13.59 -21.25 8.16
N VAL D 75 12.61 -20.79 8.92
CA VAL D 75 12.00 -21.60 9.95
C VAL D 75 10.50 -21.28 9.94
N SER D 76 9.68 -22.31 10.02
CA SER D 76 8.21 -22.17 10.00
C SER D 76 7.60 -23.02 11.08
N TYR D 77 6.51 -22.57 11.66
CA TYR D 77 5.88 -23.34 12.70
C TYR D 77 4.38 -23.13 12.69
N ASP D 78 3.66 -24.23 12.65
CA ASP D 78 2.21 -24.23 12.63
C ASP D 78 1.65 -23.77 13.95
N VAL D 79 0.96 -22.64 13.94
CA VAL D 79 0.38 -22.11 15.16
C VAL D 79 -0.83 -21.23 14.89
N ASP D 80 -1.88 -21.46 15.65
CA ASP D 80 -3.11 -20.68 15.57
C ASP D 80 -2.98 -19.63 16.64
N LEU D 81 -2.61 -18.43 16.24
CA LEU D 81 -2.42 -17.33 17.16
C LEU D 81 -3.64 -16.85 17.96
N ASP D 82 -4.83 -17.31 17.60
CA ASP D 82 -6.04 -16.94 18.32
C ASP D 82 -6.10 -17.66 19.65
N ASN D 83 -5.41 -18.79 19.72
CA ASN D 83 -5.38 -19.61 20.94
C ASN D 83 -4.16 -19.32 21.75
N VAL D 84 -3.26 -18.50 21.24
CA VAL D 84 -2.03 -18.15 21.93
C VAL D 84 -2.05 -16.71 22.47
N LEU D 85 -2.26 -15.77 21.57
CA LEU D 85 -2.27 -14.36 21.90
C LEU D 85 -3.66 -13.79 22.10
N PRO D 86 -3.75 -12.63 22.77
CA PRO D 86 -5.03 -11.96 23.01
C PRO D 86 -5.32 -11.16 21.74
N GLU D 87 -6.60 -10.77 21.52
CA GLU D 87 -7.01 -10.01 20.33
C GLU D 87 -6.16 -8.80 19.98
N TRP D 88 -5.85 -8.00 21.01
CA TRP D 88 -5.05 -6.81 20.85
C TRP D 88 -3.69 -7.06 21.46
N VAL D 89 -2.66 -6.74 20.68
CA VAL D 89 -1.28 -6.95 21.07
C VAL D 89 -0.44 -5.70 20.70
N ARG D 90 0.84 -5.75 21.03
CA ARG D 90 1.80 -4.72 20.63
C ARG D 90 2.91 -5.52 19.98
N VAL D 91 3.56 -4.94 18.98
CA VAL D 91 4.61 -5.62 18.26
C VAL D 91 5.90 -4.85 18.43
N GLY D 92 7.02 -5.56 18.52
CA GLY D 92 8.27 -4.87 18.67
C GLY D 92 9.49 -5.71 18.41
N LEU D 93 10.65 -5.10 18.62
CA LEU D 93 11.94 -5.74 18.45
C LEU D 93 12.60 -5.77 19.82
N SER D 94 13.37 -6.81 20.11
CA SER D 94 14.06 -6.95 21.39
C SER D 94 15.48 -7.47 21.17
N ALA D 95 16.36 -7.31 22.16
CA ALA D 95 17.74 -7.78 22.05
C ALA D 95 18.51 -7.76 23.37
N SER D 96 19.45 -8.68 23.53
CA SER D 96 20.23 -8.72 24.74
C SER D 96 21.68 -9.12 24.52
N THR D 97 22.48 -8.98 25.58
CA THR D 97 23.89 -9.41 25.63
C THR D 97 24.06 -10.00 27.02
N GLY D 98 25.15 -10.72 27.29
CA GLY D 98 25.35 -11.33 28.61
C GLY D 98 26.84 -11.27 28.87
N LEU D 99 27.46 -12.41 29.14
CA LEU D 99 28.91 -12.46 29.36
C LEU D 99 29.56 -12.01 28.05
N TYR D 100 29.00 -12.48 26.95
CA TYR D 100 29.48 -12.14 25.62
C TYR D 100 28.54 -11.10 25.08
N LYS D 101 29.03 -10.31 24.15
CA LYS D 101 28.26 -9.21 23.59
C LYS D 101 28.35 -9.08 22.07
N GLU D 102 27.60 -8.13 21.53
CA GLU D 102 27.53 -7.86 20.09
C GLU D 102 26.67 -6.60 19.97
N THR D 103 26.71 -5.89 18.83
CA THR D 103 25.86 -4.72 18.61
C THR D 103 24.54 -5.30 18.09
N ASN D 104 23.42 -4.70 18.46
CA ASN D 104 22.11 -5.15 18.03
C ASN D 104 21.43 -3.93 17.39
N THR D 105 22.07 -3.43 16.36
CA THR D 105 21.63 -2.28 15.62
C THR D 105 20.53 -2.62 14.61
N ILE D 106 19.43 -1.90 14.68
CA ILE D 106 18.32 -2.10 13.74
C ILE D 106 18.43 -0.88 12.84
N LEU D 107 18.50 -1.10 11.55
CA LEU D 107 18.64 0.00 10.62
C LEU D 107 17.28 0.42 10.05
N SER D 108 16.31 -0.46 10.10
CA SER D 108 14.98 -0.15 9.57
C SER D 108 14.01 -1.20 10.06
N TRP D 109 12.72 -0.91 10.00
CA TRP D 109 11.72 -1.87 10.44
C TRP D 109 10.35 -1.49 9.94
N SER D 110 9.61 -2.44 9.40
CA SER D 110 8.23 -2.19 8.91
C SER D 110 7.29 -3.32 9.34
N PHE D 111 5.98 -3.02 9.34
CA PHE D 111 4.99 -3.99 9.77
C PHE D 111 3.66 -3.65 9.15
N THR D 112 2.92 -4.68 8.80
CA THR D 112 1.61 -4.53 8.18
C THR D 112 0.71 -5.61 8.72
N SER D 113 -0.50 -5.23 9.08
CA SER D 113 -1.46 -6.15 9.65
C SER D 113 -2.83 -5.87 9.04
N LYS D 114 -3.56 -6.92 8.71
CA LYS D 114 -4.88 -6.76 8.15
C LYS D 114 -5.83 -7.77 8.74
N LEU D 115 -7.02 -7.30 9.04
CA LEU D 115 -8.05 -8.13 9.65
C LEU D 115 -9.27 -7.97 8.72
N LYS D 116 -9.46 -8.92 7.80
CA LYS D 116 -10.59 -8.94 6.86
C LYS D 116 -11.39 -10.27 6.93
N THR D 123 -12.76 -4.96 6.03
CA THR D 123 -11.30 -4.88 6.17
C THR D 123 -11.00 -3.90 7.30
N ASN D 124 -9.74 -3.90 7.76
CA ASN D 124 -9.11 -3.03 8.78
C ASN D 124 -7.60 -3.29 8.62
N ALA D 125 -6.81 -2.23 8.60
CA ALA D 125 -5.39 -2.41 8.39
C ALA D 125 -4.51 -1.45 9.16
N LEU D 126 -3.28 -1.87 9.38
CA LEU D 126 -2.31 -1.05 10.06
C LEU D 126 -1.01 -1.26 9.32
N HIS D 127 -0.27 -0.20 9.08
CA HIS D 127 1.03 -0.31 8.42
C HIS D 127 1.96 0.82 8.87
N PHE D 128 3.20 0.49 9.18
CA PHE D 128 4.17 1.50 9.53
C PHE D 128 5.52 1.12 8.95
N MET D 129 6.33 2.12 8.66
CA MET D 129 7.66 1.88 8.14
C MET D 129 8.68 2.84 8.72
N PHE D 130 9.80 2.31 9.17
CA PHE D 130 10.87 3.14 9.68
C PHE D 130 12.10 2.86 8.85
N ASN D 131 12.37 3.68 7.85
CA ASN D 131 13.55 3.52 7.02
C ASN D 131 14.69 4.29 7.70
N GLN D 132 14.37 4.86 8.86
CA GLN D 132 15.31 5.62 9.67
C GLN D 132 14.66 5.92 11.01
N PHE D 133 15.47 6.14 12.02
CA PHE D 133 14.99 6.44 13.34
C PHE D 133 15.53 7.78 13.81
N SER D 134 14.66 8.59 14.39
CA SER D 134 15.02 9.91 14.88
C SER D 134 15.37 9.91 16.37
N LYS D 135 15.91 11.05 16.82
CA LYS D 135 16.32 11.22 18.20
C LYS D 135 15.18 10.96 19.14
N ASP D 136 14.01 11.48 18.81
CA ASP D 136 12.86 11.21 19.63
C ASP D 136 11.75 10.68 18.74
N GLN D 137 11.78 9.35 18.55
CA GLN D 137 10.81 8.63 17.75
C GLN D 137 9.60 8.43 18.65
N LYS D 138 8.71 9.42 18.66
CA LYS D 138 7.51 9.38 19.50
C LYS D 138 6.51 8.23 19.30
N ASP D 139 6.56 7.55 18.15
CA ASP D 139 5.66 6.43 17.91
C ASP D 139 6.30 5.10 18.32
N LEU D 140 7.46 5.15 18.97
CA LEU D 140 8.15 3.96 19.46
C LEU D 140 8.24 4.06 20.96
N ILE D 141 7.88 2.98 21.63
CA ILE D 141 7.99 2.91 23.08
C ILE D 141 9.27 2.13 23.32
N LEU D 142 10.31 2.83 23.74
CA LEU D 142 11.62 2.24 24.01
C LEU D 142 11.70 1.75 25.45
N GLN D 143 12.26 0.56 25.63
CA GLN D 143 12.39 -0.02 26.95
C GLN D 143 13.81 -0.53 27.13
N GLY D 144 14.33 -0.48 28.35
CA GLY D 144 15.67 -0.97 28.63
C GLY D 144 16.75 -0.06 28.10
N ASP D 145 17.77 -0.63 27.49
CA ASP D 145 18.89 0.14 26.97
C ASP D 145 18.68 0.64 25.56
N ALA D 146 17.49 0.45 25.00
CA ALA D 146 17.21 0.85 23.64
C ALA D 146 17.25 2.35 23.47
N THR D 147 17.90 2.81 22.41
CA THR D 147 18.02 4.25 22.09
C THR D 147 17.88 4.50 20.60
N THR D 148 17.33 5.66 20.25
CA THR D 148 17.17 6.05 18.84
C THR D 148 17.99 7.30 18.57
N GLY D 149 18.06 7.64 17.29
CA GLY D 149 18.84 8.79 16.85
C GLY D 149 20.32 8.45 16.77
N THR D 150 20.67 7.29 17.31
CA THR D 150 22.04 6.81 17.33
C THR D 150 22.49 6.45 15.89
N ASP D 151 22.70 7.52 15.10
CA ASP D 151 23.10 7.45 13.70
C ASP D 151 21.89 7.29 12.79
N GLY D 152 20.70 7.62 13.31
CA GLY D 152 19.49 7.43 12.53
C GLY D 152 19.07 5.97 12.71
N ASN D 153 19.82 5.23 13.53
CA ASN D 153 19.55 3.82 13.80
C ASN D 153 18.94 3.63 15.17
N LEU D 154 18.43 2.42 15.39
CA LEU D 154 17.81 2.04 16.65
C LEU D 154 18.78 1.03 17.26
N GLU D 155 19.34 1.36 18.42
CA GLU D 155 20.26 0.45 19.10
C GLU D 155 19.49 -0.19 20.24
N LEU D 156 19.25 -1.48 20.13
CA LEU D 156 18.48 -2.22 21.13
C LEU D 156 19.25 -2.39 22.44
N THR D 157 20.57 -2.58 22.34
CA THR D 157 21.40 -2.74 23.52
C THR D 157 22.50 -1.70 23.55
N ARG D 158 23.10 -1.53 24.74
CA ARG D 158 24.17 -0.56 24.98
C ARG D 158 25.35 -0.61 24.01
N VAL D 159 25.72 0.57 23.52
CA VAL D 159 26.85 0.74 22.64
C VAL D 159 27.50 1.97 23.20
N SER D 160 28.82 1.99 23.21
CA SER D 160 29.59 3.04 23.84
C SER D 160 30.08 3.95 22.77
N SER D 161 30.37 5.22 23.08
CA SER D 161 30.90 6.17 22.00
C SER D 161 31.74 5.45 20.94
N ASN D 162 32.90 4.81 21.31
CA ASN D 162 33.72 4.19 20.28
C ASN D 162 32.97 3.21 19.38
N GLY D 163 31.70 2.94 19.66
CA GLY D 163 30.95 2.02 18.84
C GLY D 163 30.95 0.59 19.34
N SER D 164 31.50 0.38 20.53
CA SER D 164 31.57 -0.94 21.17
C SER D 164 30.29 -1.28 21.90
N PRO D 165 30.02 -2.62 21.88
CA PRO D 165 28.79 -3.10 22.54
C PRO D 165 29.13 -3.50 23.98
N GLN D 166 28.21 -3.30 24.85
CA GLN D 166 28.40 -3.60 26.27
C GLN D 166 27.68 -4.88 26.60
N GLY D 167 28.25 -5.64 27.50
CA GLY D 167 27.66 -6.91 27.90
C GLY D 167 26.53 -6.66 28.88
N SER D 168 25.81 -7.71 29.26
CA SER D 168 24.69 -7.60 30.18
C SER D 168 23.71 -6.46 29.90
N SER D 169 23.37 -6.27 28.63
CA SER D 169 22.48 -5.20 28.22
C SER D 169 21.17 -5.80 27.71
N VAL D 170 20.07 -5.06 27.83
CA VAL D 170 18.75 -5.51 27.34
C VAL D 170 17.94 -4.30 26.93
N GLY D 171 17.30 -4.36 25.77
CA GLY D 171 16.49 -3.25 25.30
C GLY D 171 15.42 -3.72 24.33
N ARG D 172 14.29 -3.03 24.28
CA ARG D 172 13.23 -3.36 23.37
C ARG D 172 12.64 -2.07 22.78
N ALA D 173 11.92 -2.21 21.70
CA ALA D 173 11.27 -1.07 21.07
C ALA D 173 9.93 -1.63 20.56
N LEU D 174 8.83 -1.08 21.07
CA LEU D 174 7.47 -1.49 20.68
C LEU D 174 6.77 -0.39 19.86
N PHE D 175 5.96 -0.75 18.86
CA PHE D 175 5.25 0.30 18.14
C PHE D 175 4.18 0.82 19.10
N TYR D 176 4.02 2.13 19.13
CA TYR D 176 3.10 2.79 20.04
C TYR D 176 1.65 2.32 20.07
N ALA D 177 1.04 2.12 18.92
CA ALA D 177 -0.37 1.72 18.88
C ALA D 177 -0.56 0.22 19.03
N PRO D 178 -1.67 -0.18 19.69
CA PRO D 178 -2.01 -1.60 19.89
C PRO D 178 -2.46 -2.10 18.54
N VAL D 179 -2.24 -3.38 18.26
CA VAL D 179 -2.59 -3.95 16.99
C VAL D 179 -3.66 -5.01 17.20
N HIS D 180 -4.73 -4.94 16.41
CA HIS D 180 -5.80 -5.94 16.53
C HIS D 180 -5.35 -7.16 15.78
N ILE D 181 -4.69 -8.07 16.50
CA ILE D 181 -4.13 -9.27 15.87
C ILE D 181 -5.15 -10.28 15.36
N TRP D 182 -6.28 -10.43 16.05
CA TRP D 182 -7.31 -11.33 15.62
C TRP D 182 -8.67 -10.88 16.12
N GLU D 183 -9.71 -11.46 15.55
CA GLU D 183 -11.08 -11.14 15.91
C GLU D 183 -11.90 -12.21 15.21
N SER D 184 -12.65 -13.02 15.94
CA SER D 184 -13.39 -14.12 15.32
C SER D 184 -14.22 -13.85 14.06
N SER D 185 -14.82 -12.67 13.95
CA SER D 185 -15.63 -12.35 12.76
C SER D 185 -14.80 -12.10 11.49
N ALA D 186 -13.50 -12.39 11.55
CA ALA D 186 -12.63 -12.17 10.39
C ALA D 186 -12.34 -13.44 9.60
N VAL D 187 -12.37 -13.31 8.28
CA VAL D 187 -12.12 -14.41 7.35
C VAL D 187 -10.61 -14.61 7.22
N VAL D 188 -9.89 -13.50 7.08
CA VAL D 188 -8.45 -13.54 6.94
C VAL D 188 -7.75 -12.47 7.79
N ALA D 189 -6.97 -12.92 8.76
CA ALA D 189 -6.19 -12.08 9.67
C ALA D 189 -4.75 -12.38 9.29
N SER D 190 -3.93 -11.36 9.15
CA SER D 190 -2.56 -11.60 8.77
C SER D 190 -1.63 -10.43 9.04
N PHE D 191 -0.35 -10.73 9.22
CA PHE D 191 0.64 -9.70 9.45
C PHE D 191 1.99 -10.12 8.86
N GLU D 192 2.90 -9.18 8.73
CA GLU D 192 4.23 -9.45 8.23
C GLU D 192 5.08 -8.33 8.78
N ALA D 193 6.37 -8.58 8.94
CA ALA D 193 7.28 -7.60 9.50
C ALA D 193 8.63 -7.79 8.84
N THR D 194 9.41 -6.72 8.81
CA THR D 194 10.71 -6.77 8.20
C THR D 194 11.64 -5.77 8.85
N PHE D 195 12.86 -6.20 9.10
CA PHE D 195 13.84 -5.31 9.69
C PHE D 195 15.24 -5.70 9.19
N THR D 196 16.12 -4.73 9.10
CA THR D 196 17.48 -4.97 8.70
C THR D 196 18.26 -4.72 9.97
N PHE D 197 19.32 -5.46 10.17
CA PHE D 197 20.07 -5.32 11.39
C PHE D 197 21.54 -5.39 11.12
N LEU D 198 22.32 -5.03 12.13
CA LEU D 198 23.77 -5.07 12.03
C LEU D 198 24.32 -5.61 13.34
N ILE D 199 24.61 -6.91 13.36
CA ILE D 199 25.17 -7.58 14.50
C ILE D 199 26.67 -7.68 14.31
N LYS D 200 27.38 -6.94 15.13
CA LYS D 200 28.83 -6.91 15.10
C LYS D 200 29.41 -7.05 16.49
N SER D 201 30.29 -8.02 16.65
CA SER D 201 30.94 -8.24 17.93
C SER D 201 32.43 -8.41 17.77
N PRO D 202 33.19 -7.68 18.58
CA PRO D 202 34.65 -7.71 18.60
C PRO D 202 35.19 -9.04 19.15
N ASP D 203 34.45 -9.68 20.04
CA ASP D 203 34.88 -10.97 20.58
C ASP D 203 34.56 -12.20 19.70
N SER D 204 35.09 -13.36 20.12
CA SER D 204 34.98 -14.65 19.39
C SER D 204 33.64 -15.38 19.46
N HIS D 205 32.81 -15.03 20.44
CA HIS D 205 31.55 -15.70 20.64
C HIS D 205 30.50 -14.66 21.02
N PRO D 206 29.90 -14.04 20.00
CA PRO D 206 28.86 -13.01 20.17
C PRO D 206 27.63 -13.58 20.86
N ALA D 207 26.90 -12.71 21.52
CA ALA D 207 25.67 -13.06 22.25
C ALA D 207 24.93 -11.75 22.48
N ASP D 208 23.62 -11.81 22.66
CA ASP D 208 22.88 -13.06 22.67
C ASP D 208 21.89 -13.23 21.52
N GLY D 209 21.44 -12.12 20.95
CA GLY D 209 20.52 -12.20 19.82
C GLY D 209 19.50 -11.07 19.70
N ILE D 210 18.71 -11.11 18.64
CA ILE D 210 17.64 -10.12 18.38
C ILE D 210 16.32 -10.86 18.14
N ALA D 211 15.19 -10.23 18.33
CA ALA D 211 13.94 -10.93 18.12
C ALA D 211 12.79 -10.00 17.77
N PHE D 212 11.87 -10.43 16.94
CA PHE D 212 10.67 -9.68 16.64
C PHE D 212 9.65 -10.39 17.54
N PHE D 213 8.82 -9.64 18.23
CA PHE D 213 7.86 -10.32 19.10
C PHE D 213 6.51 -9.65 19.07
N ILE D 214 5.51 -10.38 19.52
CA ILE D 214 4.13 -9.91 19.59
C ILE D 214 3.79 -10.24 21.04
N SER D 215 3.29 -9.28 21.79
CA SER D 215 2.98 -9.51 23.20
C SER D 215 1.66 -8.86 23.58
N ASN D 216 1.30 -9.05 24.84
CA ASN D 216 0.12 -8.42 25.42
C ASN D 216 0.46 -6.92 25.32
N ILE D 217 -0.53 -6.07 25.20
CA ILE D 217 -0.26 -4.63 25.06
C ILE D 217 0.62 -3.99 26.13
N ASP D 218 0.49 -4.46 27.35
CA ASP D 218 1.26 -3.91 28.45
C ASP D 218 2.52 -4.67 28.79
N SER D 219 3.16 -5.24 27.79
CA SER D 219 4.37 -5.99 28.03
C SER D 219 5.58 -5.10 28.32
N SER D 220 6.46 -5.61 29.18
CA SER D 220 7.68 -4.91 29.56
C SER D 220 8.78 -5.92 29.79
N ILE D 221 10.03 -5.48 29.69
CA ILE D 221 11.14 -6.39 29.87
C ILE D 221 11.10 -7.03 31.24
N PRO D 222 11.06 -8.38 31.27
CA PRO D 222 11.06 -9.12 32.53
C PRO D 222 12.39 -8.84 33.22
N SER D 223 12.40 -8.77 34.53
CA SER D 223 13.64 -8.49 35.25
C SER D 223 14.66 -9.58 35.05
N GLY D 224 15.89 -9.17 34.88
CA GLY D 224 16.97 -10.12 34.70
C GLY D 224 17.01 -10.82 33.36
N SER D 225 16.11 -10.48 32.44
CA SER D 225 16.12 -11.13 31.14
C SER D 225 17.21 -10.69 30.17
N THR D 226 18.41 -10.46 30.68
CA THR D 226 19.55 -10.12 29.82
C THR D 226 20.01 -11.50 29.33
N GLY D 227 21.10 -11.52 28.59
CA GLY D 227 21.61 -12.78 28.11
C GLY D 227 20.64 -13.64 27.30
N ARG D 228 20.60 -14.93 27.64
CA ARG D 228 19.81 -15.91 26.94
C ARG D 228 18.32 -15.75 26.93
N LEU D 229 17.77 -14.87 27.76
CA LEU D 229 16.30 -14.70 27.76
C LEU D 229 15.84 -13.67 26.72
N LEU D 230 16.79 -13.09 26.01
CA LEU D 230 16.54 -12.14 24.94
C LEU D 230 15.60 -10.97 25.26
N GLY D 231 15.39 -10.72 26.54
CA GLY D 231 14.51 -9.65 26.94
C GLY D 231 13.06 -10.00 26.76
N LEU D 232 12.78 -11.27 26.57
CA LEU D 232 11.42 -11.72 26.32
C LEU D 232 10.77 -12.51 27.43
N PHE D 233 11.54 -13.44 28.02
CA PHE D 233 11.04 -14.35 29.06
C PHE D 233 11.68 -14.19 30.41
N PRO D 234 10.91 -14.49 31.46
CA PRO D 234 11.38 -14.39 32.86
C PRO D 234 12.23 -15.56 33.29
N ASP D 235 12.20 -16.62 32.52
CA ASP D 235 12.99 -17.78 32.88
C ASP D 235 13.18 -18.61 31.64
N ALA D 236 13.80 -19.77 31.86
CA ALA D 236 14.11 -20.68 30.77
C ALA D 236 13.15 -21.86 30.70
N ASN D 237 11.90 -21.67 31.11
CA ASN D 237 10.94 -22.78 31.02
C ASN D 237 10.30 -22.86 29.65
#